data_6DPZ
#
_entry.id   6DPZ
#
_cell.length_a   97.702
_cell.length_b   77.737
_cell.length_c   115.686
_cell.angle_alpha   90.000
_cell.angle_beta   113.250
_cell.angle_gamma   90.000
#
_symmetry.space_group_name_H-M   'I 1 2 1'
#
loop_
_entity.id
_entity.type
_entity.pdbx_description
1 polymer Beta-lactamase
2 non-polymer '(1R,2S)-2-{[(pyrrolidin-1-yl)sulfonyl]amino}cyclooctane-1-carboxylic acid'
3 water water
#
_entity_poly.entity_id   1
_entity_poly.type   'polypeptide(L)'
_entity_poly.pdbx_seq_one_letter_code
;APQQINDIVHRTITPLIEQQKIPGMAVAVIYQGKPYYFTWGYADIAKKQPVTQQTLFELGSVSKTFTGVLGGDAIARGEI
KLSDPTTKYWPELTAKQWNGITLLHLATYTAGGLPLQVPDEVKSSSDLLRFYQNWQPAWAPGTQRLYANSSIGLFGALAV
KPSGLSFEQAMQTRVFQPLKLNHTWINVPPAEEKNYAWGYREGKAVHVSPGALDAEAYGVKSTIEDMARWVQSNLKPLDI
NEKTLQQGIQLAQSRYWQTGDMYQGLGWEMLDWPVNPDSIINGSDNKIALAARPVKAITPPTPAVRASWVHKTGATGGFG
SYVAFIPEKELGIVMLANKNYPNPARVDAAWQILNALQ
;
_entity_poly.pdbx_strand_id   A,B
#
loop_
_chem_comp.id
_chem_comp.type
_chem_comp.name
_chem_comp.formula
H7D non-polymer '(1R,2S)-2-{[(pyrrolidin-1-yl)sulfonyl]amino}cyclooctane-1-carboxylic acid' 'C13 H24 N2 O4 S'
#
# COMPACT_ATOMS: atom_id res chain seq x y z
N ALA A 1 15.56 -33.89 -3.34
CA ALA A 1 14.89 -32.99 -4.28
C ALA A 1 14.50 -33.74 -5.56
N PRO A 2 13.45 -33.28 -6.22
CA PRO A 2 13.14 -33.80 -7.55
C PRO A 2 14.38 -33.76 -8.44
N GLN A 3 14.59 -34.83 -9.20
CA GLN A 3 15.78 -34.90 -10.06
C GLN A 3 15.84 -33.72 -11.01
N GLN A 4 14.68 -33.18 -11.40
CA GLN A 4 14.65 -32.00 -12.25
C GLN A 4 15.37 -30.84 -11.58
N ILE A 5 14.98 -30.52 -10.34
CA ILE A 5 15.64 -29.44 -9.61
C ILE A 5 17.11 -29.76 -9.40
N ASN A 6 17.41 -30.99 -8.98
CA ASN A 6 18.81 -31.38 -8.76
C ASN A 6 19.65 -31.17 -10.01
N ASP A 7 19.19 -31.68 -11.16
CA ASP A 7 19.99 -31.57 -12.37
C ASP A 7 20.14 -30.13 -12.80
N ILE A 8 19.05 -29.35 -12.71
CA ILE A 8 19.05 -27.96 -13.11
C ILE A 8 20.04 -27.17 -12.25
N VAL A 9 20.01 -27.40 -10.93
CA VAL A 9 20.92 -26.67 -10.05
C VAL A 9 22.35 -27.10 -10.29
N HIS A 10 22.61 -28.42 -10.35
CA HIS A 10 24.00 -28.86 -10.43
C HIS A 10 24.64 -28.49 -11.77
N ARG A 11 23.90 -28.61 -12.89
CA ARG A 11 24.47 -28.27 -14.18
CA ARG A 11 24.53 -28.27 -14.16
C ARG A 11 24.78 -26.78 -14.30
N THR A 12 24.15 -25.94 -13.47
CA THR A 12 24.40 -24.51 -13.53
C THR A 12 25.49 -24.11 -12.54
N ILE A 13 25.43 -24.64 -11.31
CA ILE A 13 26.30 -24.16 -10.24
C ILE A 13 27.68 -24.79 -10.33
N THR A 14 27.78 -26.08 -10.72
CA THR A 14 29.09 -26.70 -10.84
C THR A 14 30.03 -25.92 -11.75
N PRO A 15 29.66 -25.55 -12.99
CA PRO A 15 30.57 -24.75 -13.80
C PRO A 15 30.81 -23.37 -13.23
N LEU A 16 29.82 -22.79 -12.57
CA LEU A 16 30.00 -21.47 -11.97
C LEU A 16 31.09 -21.51 -10.91
N ILE A 17 31.06 -22.52 -10.04
CA ILE A 17 32.07 -22.65 -8.99
C ILE A 17 33.45 -22.83 -9.58
N GLU A 18 33.56 -23.62 -10.66
CA GLU A 18 34.87 -23.83 -11.27
C GLU A 18 35.36 -22.58 -11.99
N GLN A 19 34.47 -21.92 -12.74
CA GLN A 19 34.89 -20.75 -13.51
C GLN A 19 35.29 -19.60 -12.59
N GLN A 20 34.57 -19.43 -11.48
CA GLN A 20 34.82 -18.29 -10.59
C GLN A 20 35.75 -18.64 -9.43
N LYS A 21 36.17 -19.88 -9.31
CA LYS A 21 37.06 -20.31 -8.22
C LYS A 21 36.47 -19.96 -6.85
N ILE A 22 35.20 -20.31 -6.69
CA ILE A 22 34.47 -20.04 -5.45
C ILE A 22 34.83 -21.09 -4.41
N PRO A 23 35.31 -20.70 -3.22
CA PRO A 23 35.72 -21.72 -2.25
C PRO A 23 34.56 -22.53 -1.69
N GLY A 24 33.45 -21.89 -1.41
CA GLY A 24 32.30 -22.56 -0.83
C GLY A 24 31.04 -21.84 -1.23
N MET A 25 29.95 -22.59 -1.32
CA MET A 25 28.71 -22.05 -1.82
C MET A 25 27.54 -22.80 -1.23
N ALA A 26 26.45 -22.09 -0.95
CA ALA A 26 25.19 -22.71 -0.60
C ALA A 26 24.10 -22.13 -1.47
N VAL A 27 23.20 -22.99 -1.93
CA VAL A 27 22.06 -22.58 -2.76
C VAL A 27 20.77 -23.14 -2.17
N ALA A 28 19.73 -22.33 -2.18
CA ALA A 28 18.38 -22.79 -1.86
C ALA A 28 17.50 -22.44 -3.04
N VAL A 29 16.70 -23.41 -3.48
CA VAL A 29 15.65 -23.18 -4.45
C VAL A 29 14.31 -23.34 -3.75
N ILE A 30 13.44 -22.36 -3.92
CA ILE A 30 12.08 -22.44 -3.44
C ILE A 30 11.22 -22.77 -4.64
N TYR A 31 10.59 -23.93 -4.59
CA TYR A 31 9.80 -24.45 -5.69
C TYR A 31 8.44 -24.80 -5.14
N GLN A 32 7.39 -24.20 -5.73
CA GLN A 32 6.03 -24.34 -5.21
C GLN A 32 5.98 -24.14 -3.70
N GLY A 33 6.77 -23.18 -3.21
CA GLY A 33 6.74 -22.82 -1.81
C GLY A 33 7.69 -23.60 -0.90
N LYS A 34 8.28 -24.70 -1.37
CA LYS A 34 9.11 -25.52 -0.50
C LYS A 34 10.59 -25.35 -0.82
N PRO A 35 11.48 -25.40 0.17
CA PRO A 35 12.90 -25.20 -0.07
C PRO A 35 13.66 -26.48 -0.33
N TYR A 36 14.67 -26.37 -1.20
CA TYR A 36 15.59 -27.43 -1.56
C TYR A 36 17.01 -26.89 -1.49
N TYR A 37 17.88 -27.59 -0.77
CA TYR A 37 19.17 -27.05 -0.39
C TYR A 37 20.31 -27.79 -1.07
N PHE A 38 21.38 -27.05 -1.33
CA PHE A 38 22.55 -27.55 -2.01
C PHE A 38 23.78 -26.87 -1.44
N THR A 39 24.83 -27.64 -1.20
CA THR A 39 26.05 -27.07 -0.64
C THR A 39 27.28 -27.65 -1.32
N TRP A 40 28.32 -26.83 -1.38
CA TRP A 40 29.58 -27.19 -2.00
C TRP A 40 30.74 -26.57 -1.23
N GLY A 41 31.86 -27.28 -1.21
CA GLY A 41 33.11 -26.63 -0.87
C GLY A 41 33.25 -26.28 0.60
N TYR A 42 34.03 -25.22 0.85
CA TYR A 42 34.59 -24.95 2.16
C TYR A 42 34.12 -23.61 2.72
N ALA A 43 33.66 -23.65 3.97
CA ALA A 43 33.45 -22.44 4.77
C ALA A 43 34.76 -21.90 5.31
N ASP A 44 35.72 -22.78 5.60
CA ASP A 44 37.03 -22.41 6.13
C ASP A 44 38.04 -23.35 5.47
N ILE A 45 38.84 -22.82 4.55
CA ILE A 45 39.79 -23.65 3.80
C ILE A 45 40.85 -24.20 4.74
N ALA A 46 41.43 -23.33 5.57
CA ALA A 46 42.52 -23.72 6.45
C ALA A 46 42.11 -24.83 7.42
N LYS A 47 40.95 -24.69 8.05
CA LYS A 47 40.49 -25.67 9.02
C LYS A 47 39.64 -26.77 8.38
N LYS A 48 39.59 -26.80 7.05
CA LYS A 48 38.91 -27.85 6.29
C LYS A 48 37.44 -28.00 6.69
N GLN A 49 36.79 -26.88 6.98
CA GLN A 49 35.39 -26.91 7.39
C GLN A 49 34.49 -26.80 6.16
N PRO A 50 33.60 -27.75 5.91
CA PRO A 50 32.73 -27.66 4.74
C PRO A 50 31.61 -26.65 4.95
N VAL A 51 31.10 -26.15 3.82
CA VAL A 51 29.82 -25.45 3.83
C VAL A 51 28.71 -26.44 4.17
N THR A 52 27.86 -26.07 5.11
CA THR A 52 26.69 -26.85 5.46
C THR A 52 25.46 -25.93 5.44
N GLN A 53 24.29 -26.51 5.73
CA GLN A 53 23.08 -25.69 5.76
C GLN A 53 23.05 -24.76 6.98
N GLN A 54 23.99 -24.92 7.90
CA GLN A 54 24.12 -24.07 9.09
C GLN A 54 25.25 -23.05 8.98
N THR A 55 25.97 -23.03 7.86
CA THR A 55 27.05 -22.06 7.67
C THR A 55 26.46 -20.65 7.56
N LEU A 56 27.08 -19.71 8.28
CA LEU A 56 26.74 -18.30 8.16
C LEU A 56 27.58 -17.63 7.08
N PHE A 57 26.91 -16.87 6.21
CA PHE A 57 27.56 -16.07 5.18
C PHE A 57 27.25 -14.58 5.42
N GLU A 58 28.20 -13.72 5.05
CA GLU A 58 27.92 -12.28 5.05
C GLU A 58 27.04 -11.94 3.86
N LEU A 59 25.88 -11.32 4.11
CA LEU A 59 24.95 -10.99 3.05
C LEU A 59 25.33 -9.73 2.29
N GLY A 60 26.17 -8.88 2.86
CA GLY A 60 26.44 -7.63 2.18
C GLY A 60 25.15 -6.87 1.96
N SER A 61 25.02 -6.30 0.75
CA SER A 61 23.87 -5.46 0.45
C SER A 61 22.54 -6.19 0.42
N VAL A 62 22.51 -7.53 0.42
CA VAL A 62 21.22 -8.19 0.62
C VAL A 62 20.63 -7.80 1.99
N SER A 63 21.47 -7.37 2.94
CA SER A 63 20.99 -6.81 4.20
C SER A 63 20.00 -5.68 3.99
N LYS A 64 20.15 -4.91 2.90
CA LYS A 64 19.22 -3.80 2.66
C LYS A 64 17.78 -4.25 2.49
N THR A 65 17.53 -5.52 2.10
CA THR A 65 16.14 -5.99 2.07
C THR A 65 15.56 -6.10 3.48
N PHE A 66 16.36 -6.51 4.46
CA PHE A 66 15.89 -6.52 5.84
C PHE A 66 15.66 -5.10 6.33
N THR A 67 16.56 -4.18 5.98
CA THR A 67 16.36 -2.78 6.37
C THR A 67 15.10 -2.19 5.75
N GLY A 68 14.86 -2.50 4.47
CA GLY A 68 13.65 -2.01 3.84
C GLY A 68 12.39 -2.55 4.49
N VAL A 69 12.38 -3.85 4.81
CA VAL A 69 11.22 -4.45 5.45
C VAL A 69 11.03 -3.91 6.87
N LEU A 70 12.14 -3.75 7.63
CA LEU A 70 12.03 -3.15 8.96
C LEU A 70 11.46 -1.74 8.88
N GLY A 71 11.91 -0.97 7.88
CA GLY A 71 11.30 0.34 7.67
C GLY A 71 9.83 0.24 7.32
N GLY A 72 9.50 -0.68 6.41
CA GLY A 72 8.09 -0.90 6.08
C GLY A 72 7.26 -1.22 7.30
N ASP A 73 7.81 -2.01 8.22
CA ASP A 73 7.09 -2.36 9.44
C ASP A 73 6.90 -1.13 10.33
N ALA A 74 7.90 -0.24 10.39
CA ALA A 74 7.74 0.98 11.18
C ALA A 74 6.68 1.88 10.56
N ILE A 75 6.56 1.91 9.23
CA ILE A 75 5.47 2.64 8.59
C ILE A 75 4.14 2.05 8.98
N ALA A 76 4.00 0.74 8.80
CA ALA A 76 2.76 0.05 9.15
C ALA A 76 2.38 0.29 10.60
N ARG A 77 3.37 0.40 11.49
CA ARG A 77 3.09 0.70 12.90
C ARG A 77 2.65 2.15 13.11
N GLY A 78 2.75 3.00 12.11
CA GLY A 78 2.48 4.42 12.30
C GLY A 78 3.58 5.20 12.99
N GLU A 79 4.77 4.59 13.15
CA GLU A 79 5.89 5.28 13.78
C GLU A 79 6.56 6.28 12.85
N ILE A 80 6.61 5.99 11.55
CA ILE A 80 7.19 6.90 10.56
C ILE A 80 6.28 6.94 9.33
N LYS A 81 6.51 7.96 8.52
CA LYS A 81 5.93 8.09 7.20
C LYS A 81 7.05 8.35 6.20
N LEU A 82 6.96 7.71 5.04
CA LEU A 82 7.97 7.95 4.02
C LEU A 82 7.91 9.37 3.48
N SER A 83 6.77 10.04 3.65
CA SER A 83 6.64 11.43 3.27
C SER A 83 7.22 12.38 4.30
N ASP A 84 7.64 11.89 5.46
CA ASP A 84 8.20 12.75 6.51
C ASP A 84 9.54 13.34 6.06
N PRO A 85 9.81 14.61 6.35
CA PRO A 85 11.15 15.15 6.16
C PRO A 85 12.15 14.42 7.04
N THR A 86 13.37 14.28 6.51
CA THR A 86 14.46 13.70 7.30
C THR A 86 14.64 14.45 8.62
N THR A 87 14.47 15.77 8.59
CA THR A 87 14.72 16.57 9.80
C THR A 87 13.73 16.29 10.92
N LYS A 88 12.56 15.72 10.62
CA LYS A 88 11.61 15.35 11.66
C LYS A 88 12.22 14.35 12.65
N TYR A 89 13.11 13.47 12.19
CA TYR A 89 13.73 12.47 13.05
C TYR A 89 15.16 12.78 13.39
N TRP A 90 15.75 13.79 12.77
CA TRP A 90 17.10 14.25 13.09
C TRP A 90 17.07 15.77 13.06
N PRO A 91 16.50 16.39 14.08
CA PRO A 91 16.39 17.86 14.09
C PRO A 91 17.73 18.59 14.03
N GLU A 92 18.81 17.95 14.45
CA GLU A 92 20.15 18.53 14.37
C GLU A 92 20.63 18.70 12.94
N LEU A 93 19.91 18.12 11.97
CA LEU A 93 20.25 18.25 10.55
C LEU A 93 19.64 19.55 10.04
N THR A 94 20.29 20.66 10.39
CA THR A 94 19.73 21.98 10.12
C THR A 94 20.19 22.59 8.79
N ALA A 95 21.19 22.00 8.12
CA ALA A 95 21.69 22.61 6.90
C ALA A 95 20.61 22.63 5.83
N LYS A 96 20.60 23.70 5.04
CA LYS A 96 19.45 23.99 4.19
C LYS A 96 19.28 23.01 3.03
N GLN A 97 20.34 22.30 2.63
CA GLN A 97 20.16 21.35 1.55
C GLN A 97 19.24 20.21 1.94
N TRP A 98 18.94 20.04 3.23
CA TRP A 98 18.05 18.96 3.64
C TRP A 98 16.58 19.31 3.50
N ASN A 99 16.25 20.57 3.25
CA ASN A 99 14.86 20.93 3.00
C ASN A 99 14.35 20.18 1.79
N GLY A 100 13.27 19.42 1.98
CA GLY A 100 12.69 18.69 0.89
C GLY A 100 13.19 17.27 0.74
N ILE A 101 14.17 16.84 1.53
CA ILE A 101 14.65 15.45 1.45
C ILE A 101 13.90 14.63 2.49
N THR A 102 13.09 13.68 2.02
CA THR A 102 12.22 12.88 2.85
C THR A 102 12.83 11.52 3.13
N LEU A 103 12.20 10.78 4.04
CA LEU A 103 12.65 9.41 4.30
C LEU A 103 12.56 8.56 3.03
N LEU A 104 11.54 8.80 2.18
CA LEU A 104 11.47 8.06 0.92
C LEU A 104 12.74 8.24 0.10
N HIS A 105 13.22 9.49 -0.01
CA HIS A 105 14.45 9.72 -0.77
C HIS A 105 15.62 8.95 -0.18
N LEU A 106 15.75 8.93 1.15
CA LEU A 106 16.85 8.17 1.74
C LEU A 106 16.72 6.68 1.45
N ALA A 107 15.51 6.15 1.59
CA ALA A 107 15.31 4.71 1.43
C ALA A 107 15.57 4.23 0.01
N THR A 108 15.41 5.11 -0.98
CA THR A 108 15.45 4.71 -2.39
C THR A 108 16.61 5.34 -3.16
N TYR A 109 17.59 5.92 -2.47
CA TYR A 109 18.81 6.45 -3.07
C TYR A 109 18.55 7.66 -3.95
N THR A 110 17.48 8.42 -3.68
CA THR A 110 17.11 9.54 -4.55
C THR A 110 17.24 10.89 -3.85
N ALA A 111 18.03 11.00 -2.78
CA ALA A 111 18.15 12.26 -2.05
C ALA A 111 18.91 13.33 -2.83
N GLY A 112 19.68 12.94 -3.84
CA GLY A 112 20.38 13.92 -4.65
C GLY A 112 21.88 13.71 -4.70
N GLY A 113 22.33 12.46 -4.56
CA GLY A 113 23.74 12.19 -4.67
C GLY A 113 24.49 11.89 -3.39
N LEU A 114 23.81 11.36 -2.37
CA LEU A 114 24.53 10.85 -1.22
C LEU A 114 25.51 9.77 -1.68
N PRO A 115 26.70 9.71 -1.10
CA PRO A 115 27.75 8.84 -1.66
C PRO A 115 27.57 7.37 -1.34
N LEU A 116 28.15 6.54 -2.20
CA LEU A 116 28.08 5.08 -2.05
C LEU A 116 28.52 4.64 -0.66
N GLN A 117 29.65 5.14 -0.19
CA GLN A 117 30.19 4.75 1.10
C GLN A 117 30.23 5.94 2.05
N VAL A 118 29.89 5.68 3.31
CA VAL A 118 30.25 6.62 4.37
C VAL A 118 31.77 6.65 4.50
N PRO A 119 32.40 7.82 4.53
CA PRO A 119 33.86 7.84 4.60
C PRO A 119 34.37 7.08 5.81
N ASP A 120 35.49 6.36 5.61
CA ASP A 120 36.07 5.61 6.71
C ASP A 120 36.44 6.52 7.88
N GLU A 121 36.71 7.79 7.59
CA GLU A 121 37.04 8.75 8.63
C GLU A 121 35.90 8.95 9.62
N VAL A 122 34.67 8.62 9.23
CA VAL A 122 33.51 8.86 10.08
C VAL A 122 33.34 7.68 11.03
N LYS A 123 33.17 7.98 12.32
CA LYS A 123 32.97 6.93 13.31
C LYS A 123 31.95 7.34 14.36
N SER A 124 32.31 8.31 15.20
CA SER A 124 31.42 8.77 16.26
C SER A 124 30.13 9.32 15.67
N SER A 125 29.12 9.44 16.51
CA SER A 125 27.86 10.00 16.05
C SER A 125 28.02 11.45 15.61
N SER A 126 28.94 12.19 16.23
CA SER A 126 29.15 13.57 15.81
C SER A 126 29.90 13.65 14.48
N ASP A 127 30.77 12.67 14.21
CA ASP A 127 31.36 12.55 12.88
C ASP A 127 30.28 12.39 11.82
N LEU A 128 29.26 11.58 12.13
CA LEU A 128 28.19 11.32 11.17
C LEU A 128 27.37 12.58 10.92
N LEU A 129 26.99 13.29 11.99
CA LEU A 129 26.24 14.52 11.84
C LEU A 129 27.00 15.52 10.97
N ARG A 130 28.30 15.67 11.24
CA ARG A 130 29.13 16.57 10.46
C ARG A 130 29.13 16.18 8.98
N PHE A 131 29.26 14.88 8.71
CA PHE A 131 29.28 14.39 7.34
C PHE A 131 28.01 14.77 6.58
N TYR A 132 26.86 14.51 7.19
CA TYR A 132 25.60 14.80 6.50
C TYR A 132 25.33 16.30 6.44
N GLN A 133 25.72 17.04 7.47
CA GLN A 133 25.54 18.48 7.42
C GLN A 133 26.38 19.12 6.31
N ASN A 134 27.56 18.58 6.08
CA ASN A 134 28.46 19.18 5.10
C ASN A 134 28.22 18.67 3.69
N TRP A 135 27.48 17.58 3.54
CA TRP A 135 27.25 16.98 2.22
C TRP A 135 26.48 17.92 1.31
N GLN A 136 26.95 18.06 0.06
CA GLN A 136 26.32 18.94 -0.91
C GLN A 136 25.69 18.12 -2.03
N PRO A 137 24.36 18.13 -2.15
CA PRO A 137 23.72 17.39 -3.23
C PRO A 137 24.09 17.93 -4.60
N ALA A 138 24.32 16.99 -5.52
CA ALA A 138 24.52 17.34 -6.92
C ALA A 138 23.21 17.59 -7.64
N TRP A 139 22.11 17.05 -7.14
CA TRP A 139 20.84 17.09 -7.82
C TRP A 139 19.73 17.40 -6.83
N ALA A 140 18.64 17.97 -7.34
CA ALA A 140 17.45 18.14 -6.54
C ALA A 140 16.93 16.78 -6.07
N PRO A 141 16.22 16.75 -4.94
CA PRO A 141 15.68 15.48 -4.45
C PRO A 141 14.71 14.85 -5.45
N GLY A 142 14.75 13.52 -5.53
CA GLY A 142 13.79 12.81 -6.36
C GLY A 142 13.98 12.97 -7.84
N THR A 143 15.19 13.23 -8.31
CA THR A 143 15.45 13.33 -9.73
C THR A 143 16.45 12.29 -10.25
N GLN A 144 17.38 11.85 -9.41
CA GLN A 144 18.39 10.89 -9.83
C GLN A 144 18.62 9.87 -8.72
N ARG A 145 18.82 8.62 -9.14
CA ARG A 145 19.14 7.51 -8.25
C ARG A 145 20.64 7.25 -8.30
N LEU A 146 21.27 7.23 -7.13
CA LEU A 146 22.67 6.85 -7.01
C LEU A 146 22.74 5.89 -5.83
N TYR A 147 22.92 4.60 -6.12
CA TYR A 147 22.97 3.58 -5.07
C TYR A 147 23.97 3.96 -3.99
N ALA A 148 23.54 3.90 -2.73
CA ALA A 148 24.34 4.51 -1.65
C ALA A 148 24.05 3.90 -0.29
N ASN A 149 25.11 3.41 0.37
CA ASN A 149 25.00 2.98 1.76
C ASN A 149 24.68 4.15 2.68
N SER A 150 25.17 5.34 2.36
CA SER A 150 24.93 6.48 3.23
C SER A 150 23.49 6.98 3.12
N SER A 151 22.75 6.51 2.12
CA SER A 151 21.36 6.88 1.94
C SER A 151 20.45 5.90 2.69
N ILE A 152 20.46 4.62 2.29
CA ILE A 152 19.56 3.67 2.95
C ILE A 152 20.04 3.38 4.36
N GLY A 153 21.34 3.50 4.63
CA GLY A 153 21.82 3.35 5.99
C GLY A 153 21.24 4.38 6.95
N LEU A 154 21.18 5.64 6.51
CA LEU A 154 20.56 6.67 7.36
C LEU A 154 19.06 6.42 7.50
N PHE A 155 18.40 5.99 6.43
CA PHE A 155 16.98 5.63 6.53
C PHE A 155 16.77 4.60 7.62
N GLY A 156 17.59 3.55 7.63
CA GLY A 156 17.41 2.52 8.65
C GLY A 156 17.60 3.06 10.06
N ALA A 157 18.60 3.91 10.25
CA ALA A 157 18.85 4.45 11.59
C ALA A 157 17.70 5.35 12.03
N LEU A 158 17.17 6.15 11.11
CA LEU A 158 16.10 7.06 11.50
C LEU A 158 14.78 6.32 11.67
N ALA A 159 14.57 5.25 10.89
CA ALA A 159 13.29 4.57 10.91
C ALA A 159 13.00 3.95 12.27
N VAL A 160 14.04 3.54 13.01
CA VAL A 160 13.84 2.91 14.30
C VAL A 160 13.86 3.89 15.46
N LYS A 161 14.14 5.18 15.21
CA LYS A 161 14.21 6.16 16.30
C LYS A 161 12.93 6.23 17.14
N PRO A 162 11.73 6.34 16.56
CA PRO A 162 10.55 6.48 17.42
C PRO A 162 10.28 5.26 18.29
N SER A 163 10.67 4.07 17.84
CA SER A 163 10.50 2.85 18.64
C SER A 163 11.33 2.89 19.92
N GLY A 164 12.35 3.76 19.99
CA GLY A 164 13.29 3.75 21.09
C GLY A 164 14.27 2.61 21.09
N LEU A 165 14.15 1.65 20.18
CA LEU A 165 15.02 0.49 20.15
C LEU A 165 16.26 0.81 19.33
N SER A 166 17.35 0.12 19.65
CA SER A 166 18.49 0.13 18.77
C SER A 166 18.10 -0.52 17.46
N PHE A 167 18.84 -0.21 16.39
CA PHE A 167 18.55 -0.86 15.11
C PHE A 167 18.60 -2.38 15.24
N GLU A 168 19.62 -2.91 15.91
CA GLU A 168 19.73 -4.36 16.05
C GLU A 168 18.59 -4.93 16.86
N GLN A 169 18.24 -4.28 17.98
CA GLN A 169 17.12 -4.77 18.78
C GLN A 169 15.81 -4.73 18.00
N ALA A 170 15.59 -3.66 17.22
CA ALA A 170 14.38 -3.59 16.42
C ALA A 170 14.35 -4.69 15.36
N MET A 171 15.47 -4.91 14.67
CA MET A 171 15.53 -5.96 13.67
C MET A 171 15.23 -7.33 14.28
N GLN A 172 15.85 -7.62 15.44
CA GLN A 172 15.65 -8.89 16.11
C GLN A 172 14.20 -9.11 16.51
N THR A 173 13.61 -8.13 17.21
CA THR A 173 12.29 -8.37 17.77
C THR A 173 11.18 -8.24 16.72
N ARG A 174 11.37 -7.42 15.68
CA ARG A 174 10.27 -7.15 14.76
C ARG A 174 10.37 -7.91 13.45
N VAL A 175 11.55 -8.41 13.10
CA VAL A 175 11.72 -9.13 11.84
C VAL A 175 12.24 -10.55 12.07
N PHE A 176 13.42 -10.69 12.70
CA PHE A 176 14.06 -12.00 12.80
C PHE A 176 13.21 -12.96 13.61
N GLN A 177 12.82 -12.55 14.82
CA GLN A 177 12.11 -13.46 15.72
C GLN A 177 10.73 -13.83 15.18
N PRO A 178 9.88 -12.89 14.71
CA PRO A 178 8.58 -13.30 14.18
C PRO A 178 8.68 -14.29 13.02
N LEU A 179 9.72 -14.19 12.21
CA LEU A 179 9.89 -15.06 11.05
C LEU A 179 10.69 -16.32 11.37
N LYS A 180 11.09 -16.50 12.62
CA LYS A 180 11.89 -17.66 13.06
C LYS A 180 13.21 -17.75 12.29
N LEU A 181 13.83 -16.59 12.04
CA LEU A 181 15.20 -16.55 11.54
C LEU A 181 16.13 -16.55 12.75
N ASN A 182 16.30 -17.72 13.32
CA ASN A 182 17.02 -17.87 14.58
C ASN A 182 18.51 -18.05 14.37
N HIS A 183 19.00 -18.04 13.12
CA HIS A 183 20.40 -18.13 12.81
C HIS A 183 20.78 -17.03 11.84
N THR A 184 20.24 -15.85 12.11
CA THR A 184 20.45 -14.64 11.33
C THR A 184 20.84 -13.55 12.30
N TRP A 185 21.96 -12.88 12.01
CA TRP A 185 22.59 -12.02 13.01
C TRP A 185 23.11 -10.74 12.40
N ILE A 186 23.03 -9.66 13.17
CA ILE A 186 23.81 -8.48 12.83
C ILE A 186 25.20 -8.56 13.48
N ASN A 187 25.26 -9.07 14.70
CA ASN A 187 26.52 -9.39 15.36
C ASN A 187 26.50 -10.88 15.69
N VAL A 188 27.46 -11.61 15.14
CA VAL A 188 27.49 -13.06 15.32
C VAL A 188 27.86 -13.39 16.75
N PRO A 189 27.04 -14.10 17.49
CA PRO A 189 27.31 -14.43 18.88
C PRO A 189 28.50 -15.43 18.96
N PRO A 190 29.27 -15.41 20.03
CA PRO A 190 30.32 -16.42 20.22
C PRO A 190 29.85 -17.87 20.06
N ALA A 191 28.62 -18.17 20.50
CA ALA A 191 28.09 -19.53 20.37
C ALA A 191 27.98 -19.96 18.91
N GLU A 192 27.91 -19.01 17.98
CA GLU A 192 27.68 -19.33 16.57
C GLU A 192 28.93 -19.17 15.71
N GLU A 193 30.06 -18.77 16.30
CA GLU A 193 31.27 -18.52 15.52
C GLU A 193 31.77 -19.76 14.80
N LYS A 194 31.53 -20.95 15.37
CA LYS A 194 31.88 -22.22 14.72
C LYS A 194 31.27 -22.34 13.33
N ASN A 195 30.19 -21.62 13.06
CA ASN A 195 29.48 -21.73 11.79
C ASN A 195 29.75 -20.56 10.87
N TYR A 196 30.50 -19.57 11.31
CA TYR A 196 30.72 -18.36 10.52
C TYR A 196 31.81 -18.64 9.49
N ALA A 197 31.43 -18.69 8.22
CA ALA A 197 32.40 -18.89 7.16
C ALA A 197 33.38 -17.73 7.08
N TRP A 198 34.59 -18.02 6.65
CA TRP A 198 35.51 -16.97 6.23
C TRP A 198 35.18 -16.54 4.82
N GLY A 199 35.33 -15.25 4.54
CA GLY A 199 35.33 -14.79 3.17
C GLY A 199 36.74 -14.83 2.60
N TYR A 200 36.84 -14.87 1.27
CA TYR A 200 38.14 -14.99 0.62
C TYR A 200 38.30 -13.89 -0.40
N ARG A 201 39.32 -13.07 -0.21
CA ARG A 201 39.63 -11.94 -1.09
C ARG A 201 41.11 -12.04 -1.43
N GLU A 202 41.41 -12.25 -2.71
CA GLU A 202 42.79 -12.47 -3.16
C GLU A 202 43.44 -13.61 -2.38
N GLY A 203 42.65 -14.64 -2.09
CA GLY A 203 43.12 -15.80 -1.36
C GLY A 203 43.27 -15.62 0.13
N LYS A 204 42.97 -14.45 0.68
CA LYS A 204 43.10 -14.22 2.11
C LYS A 204 41.74 -14.32 2.79
N ALA A 205 41.72 -14.97 3.96
CA ALA A 205 40.50 -15.10 4.75
C ALA A 205 40.16 -13.77 5.40
N VAL A 206 38.95 -13.27 5.15
CA VAL A 206 38.55 -11.95 5.64
C VAL A 206 37.11 -11.97 6.15
N HIS A 207 36.84 -11.11 7.13
CA HIS A 207 35.49 -10.82 7.58
C HIS A 207 35.23 -9.33 7.42
N VAL A 208 33.96 -8.97 7.31
CA VAL A 208 33.60 -7.57 7.13
C VAL A 208 34.07 -6.75 8.33
N SER A 209 34.64 -5.51 8.04
CA SER A 209 35.12 -4.62 9.08
C SER A 209 33.98 -3.74 9.61
N PRO A 210 34.04 -3.31 10.86
CA PRO A 210 33.04 -2.36 11.36
C PRO A 210 33.11 -1.04 10.61
N GLY A 211 31.95 -0.41 10.44
CA GLY A 211 31.90 0.87 9.77
C GLY A 211 30.62 1.58 10.15
N ALA A 212 30.60 2.89 9.91
CA ALA A 212 29.39 3.65 10.23
C ALA A 212 28.21 3.15 9.41
N LEU A 213 27.08 2.95 10.09
CA LEU A 213 25.83 2.50 9.49
C LEU A 213 25.98 1.13 8.83
N ASP A 214 26.94 0.33 9.31
CA ASP A 214 27.14 -1.01 8.74
C ASP A 214 25.94 -1.92 9.00
N ALA A 215 25.39 -1.91 10.21
CA ALA A 215 24.24 -2.78 10.50
C ALA A 215 23.12 -2.52 9.51
N GLU A 216 22.90 -1.25 9.20
CA GLU A 216 21.75 -0.82 8.41
C GLU A 216 21.94 -1.04 6.92
N ALA A 217 23.16 -1.02 6.43
CA ALA A 217 23.40 -1.10 5.01
C ALA A 217 24.00 -2.42 4.55
N TYR A 218 24.77 -3.10 5.40
CA TYR A 218 25.40 -4.31 4.89
C TYR A 218 25.76 -5.31 5.97
N GLY A 219 25.05 -5.26 7.09
CA GLY A 219 25.49 -5.93 8.29
C GLY A 219 24.96 -7.30 8.64
N VAL A 220 24.14 -7.93 7.82
CA VAL A 220 23.51 -9.18 8.24
C VAL A 220 24.32 -10.38 7.77
N LYS A 221 24.40 -11.38 8.65
CA LYS A 221 24.95 -12.69 8.34
C LYS A 221 23.86 -13.74 8.54
N SER A 222 23.79 -14.74 7.66
CA SER A 222 22.66 -15.66 7.74
C SER A 222 23.09 -16.99 7.14
N THR A 223 22.27 -18.01 7.42
CA THR A 223 22.44 -19.34 6.83
C THR A 223 21.57 -19.47 5.59
N ILE A 224 21.83 -20.53 4.82
CA ILE A 224 21.00 -20.78 3.65
C ILE A 224 19.57 -21.16 4.06
N GLU A 225 19.39 -21.80 5.23
CA GLU A 225 18.04 -22.15 5.65
C GLU A 225 17.25 -20.90 6.04
N ASP A 226 17.86 -20.00 6.81
CA ASP A 226 17.14 -18.79 7.16
C ASP A 226 16.87 -17.92 5.93
N MET A 227 17.81 -17.89 4.98
CA MET A 227 17.58 -17.08 3.78
C MET A 227 16.47 -17.68 2.93
N ALA A 228 16.36 -19.01 2.87
CA ALA A 228 15.22 -19.59 2.18
C ALA A 228 13.92 -19.21 2.86
N ARG A 229 13.92 -19.15 4.20
CA ARG A 229 12.74 -18.71 4.93
C ARG A 229 12.43 -17.24 4.67
N TRP A 230 13.48 -16.43 4.56
CA TRP A 230 13.30 -15.03 4.18
C TRP A 230 12.65 -14.92 2.81
N VAL A 231 13.09 -15.72 1.84
CA VAL A 231 12.46 -15.69 0.53
C VAL A 231 11.00 -16.11 0.61
N GLN A 232 10.72 -17.20 1.35
CA GLN A 232 9.35 -17.66 1.49
C GLN A 232 8.45 -16.58 2.08
N SER A 233 8.96 -15.85 3.07
CA SER A 233 8.19 -14.79 3.73
C SER A 233 7.90 -13.65 2.77
N ASN A 234 8.86 -13.33 1.90
CA ASN A 234 8.64 -12.26 0.91
C ASN A 234 7.82 -12.73 -0.28
N LEU A 235 7.78 -14.04 -0.53
CA LEU A 235 6.96 -14.60 -1.60
C LEU A 235 5.48 -14.54 -1.24
N LYS A 236 5.16 -14.85 0.02
CA LYS A 236 3.78 -14.96 0.50
C LYS A 236 3.63 -14.20 1.80
N PRO A 237 3.68 -12.87 1.75
CA PRO A 237 3.58 -12.08 2.98
C PRO A 237 2.27 -12.28 3.74
N LEU A 238 1.21 -12.70 3.05
CA LEU A 238 -0.08 -12.79 3.71
C LEU A 238 -0.18 -13.96 4.66
N ASP A 239 0.72 -14.94 4.55
CA ASP A 239 0.78 -16.05 5.50
C ASP A 239 1.47 -15.67 6.80
N ILE A 240 1.89 -14.41 6.94
CA ILE A 240 2.59 -13.96 8.15
C ILE A 240 1.55 -13.43 9.13
N ASN A 241 1.67 -13.82 10.40
CA ASN A 241 0.64 -13.55 11.39
C ASN A 241 0.74 -12.13 11.94
N GLU A 242 1.96 -11.62 12.14
CA GLU A 242 2.13 -10.26 12.62
C GLU A 242 1.70 -9.27 11.54
N LYS A 243 0.73 -8.42 11.86
CA LYS A 243 0.06 -7.61 10.86
C LYS A 243 1.00 -6.56 10.27
N THR A 244 1.71 -5.80 11.12
CA THR A 244 2.55 -4.73 10.59
C THR A 244 3.73 -5.29 9.81
N LEU A 245 4.17 -6.50 10.14
CA LEU A 245 5.28 -7.09 9.39
C LEU A 245 4.82 -7.54 8.00
N GLN A 246 3.66 -8.19 7.93
CA GLN A 246 3.08 -8.54 6.65
C GLN A 246 2.92 -7.29 5.78
N GLN A 247 2.45 -6.20 6.38
CA GLN A 247 2.27 -4.95 5.66
C GLN A 247 3.61 -4.36 5.25
N GLY A 248 4.61 -4.44 6.14
CA GLY A 248 5.92 -3.89 5.81
C GLY A 248 6.59 -4.62 4.65
N ILE A 249 6.44 -5.94 4.60
CA ILE A 249 6.96 -6.69 3.45
C ILE A 249 6.31 -6.18 2.16
N GLN A 250 5.00 -5.98 2.20
CA GLN A 250 4.31 -5.47 1.02
C GLN A 250 4.80 -4.09 0.63
N LEU A 251 5.00 -3.20 1.61
CA LEU A 251 5.51 -1.87 1.32
C LEU A 251 6.92 -1.92 0.69
N ALA A 252 7.74 -2.89 1.09
CA ALA A 252 9.09 -2.93 0.56
C ALA A 252 9.14 -3.38 -0.89
N GLN A 253 8.08 -4.05 -1.36
CA GLN A 253 7.98 -4.47 -2.75
C GLN A 253 7.12 -3.53 -3.59
N SER A 254 6.70 -2.40 -3.02
CA SER A 254 6.01 -1.41 -3.84
C SER A 254 7.02 -0.73 -4.76
N ARG A 255 6.53 -0.23 -5.90
CA ARG A 255 7.39 0.38 -6.90
C ARG A 255 7.33 1.89 -6.77
N TYR A 256 8.44 2.49 -6.36
CA TYR A 256 8.46 3.92 -6.04
C TYR A 256 9.06 4.78 -7.14
N TRP A 257 10.01 4.23 -7.89
CA TRP A 257 10.74 4.92 -8.94
C TRP A 257 11.04 3.93 -10.05
N GLN A 258 11.15 4.45 -11.26
CA GLN A 258 11.55 3.65 -12.41
C GLN A 258 12.80 4.24 -13.03
N THR A 259 13.81 3.40 -13.29
CA THR A 259 14.92 3.75 -14.16
C THR A 259 15.14 2.61 -15.14
N GLY A 260 15.03 2.91 -16.43
CA GLY A 260 15.10 1.85 -17.41
C GLY A 260 13.96 0.87 -17.17
N ASP A 261 14.30 -0.41 -17.07
CA ASP A 261 13.31 -1.45 -16.88
C ASP A 261 13.16 -1.86 -15.42
N MET A 262 13.88 -1.23 -14.50
CA MET A 262 13.81 -1.65 -13.11
C MET A 262 13.05 -0.65 -12.25
N TYR A 263 12.45 -1.17 -11.19
CA TYR A 263 11.70 -0.38 -10.24
C TYR A 263 12.36 -0.49 -8.89
N GLN A 264 12.44 0.62 -8.18
CA GLN A 264 13.06 0.65 -6.85
C GLN A 264 12.01 0.48 -5.77
N GLY A 265 12.17 -0.56 -4.95
CA GLY A 265 11.41 -0.73 -3.73
C GLY A 265 12.17 -0.21 -2.53
N LEU A 266 11.82 -0.74 -1.36
CA LEU A 266 12.60 -0.46 -0.14
C LEU A 266 13.56 -1.63 0.02
N GLY A 267 14.82 -1.43 -0.38
CA GLY A 267 15.77 -2.52 -0.37
C GLY A 267 15.64 -3.38 -1.62
N TRP A 268 14.50 -4.03 -1.80
CA TRP A 268 14.25 -4.83 -2.99
C TRP A 268 14.23 -3.96 -4.24
N GLU A 269 14.63 -4.57 -5.37
CA GLU A 269 14.48 -4.01 -6.70
C GLU A 269 13.65 -4.99 -7.52
N MET A 270 12.89 -4.47 -8.47
CA MET A 270 11.90 -5.29 -9.16
C MET A 270 11.89 -5.02 -10.65
N LEU A 271 11.57 -6.04 -11.43
CA LEU A 271 11.29 -5.90 -12.85
C LEU A 271 10.00 -6.66 -13.16
N ASP A 272 9.32 -6.26 -14.22
CA ASP A 272 8.14 -7.00 -14.66
C ASP A 272 8.56 -8.38 -15.14
N TRP A 273 7.82 -9.41 -14.71
CA TRP A 273 8.00 -10.78 -15.19
C TRP A 273 6.99 -11.09 -16.28
N PRO A 274 7.40 -11.72 -17.39
CA PRO A 274 8.75 -12.21 -17.71
C PRO A 274 9.75 -11.10 -17.99
N VAL A 275 11.00 -11.36 -17.63
CA VAL A 275 12.08 -10.40 -17.80
C VAL A 275 12.88 -10.79 -19.01
N ASN A 276 13.50 -9.79 -19.62
CA ASN A 276 14.58 -10.07 -20.56
C ASN A 276 15.79 -10.40 -19.72
N PRO A 277 16.30 -11.63 -19.79
CA PRO A 277 17.48 -11.97 -18.97
C PRO A 277 18.66 -11.05 -19.16
N ASP A 278 18.93 -10.64 -20.41
CA ASP A 278 20.01 -9.68 -20.65
C ASP A 278 19.78 -8.39 -19.87
N SER A 279 18.53 -8.04 -19.59
CA SER A 279 18.23 -6.82 -18.84
C SER A 279 18.64 -6.95 -17.37
N ILE A 280 18.28 -8.07 -16.74
CA ILE A 280 18.67 -8.24 -15.33
C ILE A 280 20.13 -8.65 -15.22
N ILE A 281 20.65 -9.44 -16.16
CA ILE A 281 22.04 -9.87 -16.08
C ILE A 281 22.98 -8.67 -16.28
N ASN A 282 22.86 -8.00 -17.43
CA ASN A 282 23.70 -6.82 -17.66
C ASN A 282 23.38 -5.72 -16.66
N GLY A 283 22.11 -5.58 -16.29
CA GLY A 283 21.71 -4.56 -15.33
C GLY A 283 22.31 -4.75 -13.96
N SER A 284 22.78 -5.96 -13.64
CA SER A 284 23.37 -6.22 -12.33
C SER A 284 24.84 -5.86 -12.25
N ASP A 285 25.53 -5.78 -13.40
CA ASP A 285 26.90 -5.27 -13.41
C ASP A 285 26.95 -3.95 -12.67
N ASN A 286 27.99 -3.73 -11.89
CA ASN A 286 28.15 -2.50 -11.18
C ASN A 286 28.28 -1.30 -12.06
N LYS A 287 28.61 -1.53 -13.34
CA LYS A 287 28.68 -0.41 -14.30
C LYS A 287 27.33 0.29 -14.50
N ILE A 288 26.25 -0.46 -14.37
CA ILE A 288 24.95 0.08 -14.39
C ILE A 288 24.35 0.21 -12.99
N ALA A 289 24.54 -0.78 -12.13
CA ALA A 289 23.86 -0.79 -10.85
C ALA A 289 24.33 0.35 -9.94
N LEU A 290 25.57 0.80 -10.09
CA LEU A 290 26.11 1.86 -9.24
C LEU A 290 26.15 3.22 -9.93
N ALA A 291 25.69 3.33 -11.17
CA ALA A 291 25.78 4.58 -11.91
C ALA A 291 24.68 5.55 -11.49
N ALA A 292 24.92 6.85 -11.73
CA ALA A 292 23.91 7.88 -11.53
C ALA A 292 22.91 7.84 -12.69
N ARG A 293 21.63 7.64 -12.38
CA ARG A 293 20.60 7.46 -13.39
C ARG A 293 19.36 8.29 -13.07
N PRO A 294 18.79 8.98 -14.05
CA PRO A 294 17.55 9.71 -13.82
C PRO A 294 16.41 8.75 -13.51
N VAL A 295 15.52 9.17 -12.62
CA VAL A 295 14.38 8.36 -12.20
C VAL A 295 13.07 9.07 -12.53
N LYS A 296 12.07 8.28 -12.86
CA LYS A 296 10.69 8.74 -12.97
C LYS A 296 9.96 8.31 -11.71
N ALA A 297 9.31 9.27 -11.05
CA ALA A 297 8.48 8.95 -9.91
C ALA A 297 7.27 8.15 -10.34
N ILE A 298 6.92 7.13 -9.54
CA ILE A 298 5.69 6.39 -9.72
C ILE A 298 4.70 6.98 -8.73
N THR A 299 3.77 7.76 -9.25
CA THR A 299 2.92 8.66 -8.44
C THR A 299 1.46 8.26 -8.56
N PRO A 300 0.87 7.53 -7.59
CA PRO A 300 1.47 7.02 -6.36
C PRO A 300 2.17 5.68 -6.63
N PRO A 301 2.97 5.18 -5.68
CA PRO A 301 3.69 3.92 -5.91
C PRO A 301 2.74 2.77 -6.20
N THR A 302 3.19 1.87 -7.04
CA THR A 302 2.39 0.70 -7.36
C THR A 302 2.55 -0.34 -6.26
N PRO A 303 1.45 -0.88 -5.72
CA PRO A 303 1.58 -1.96 -4.74
C PRO A 303 2.29 -3.17 -5.34
N ALA A 304 2.85 -3.99 -4.46
CA ALA A 304 3.62 -5.17 -4.86
C ALA A 304 2.96 -5.94 -6.00
N VAL A 305 3.66 -6.04 -7.12
CA VAL A 305 3.16 -6.73 -8.30
C VAL A 305 3.58 -8.19 -8.23
N ARG A 306 2.61 -9.10 -8.23
CA ARG A 306 2.93 -10.51 -8.11
C ARG A 306 3.74 -11.00 -9.30
N ALA A 307 3.44 -10.49 -10.50
CA ALA A 307 4.18 -10.84 -11.71
C ALA A 307 5.47 -10.00 -11.82
N SER A 308 6.34 -10.17 -10.83
CA SER A 308 7.61 -9.46 -10.80
C SER A 308 8.76 -10.43 -10.59
N TRP A 309 9.91 -10.06 -11.14
CA TRP A 309 11.21 -10.59 -10.72
C TRP A 309 11.73 -9.66 -9.64
N VAL A 310 11.72 -10.13 -8.40
CA VAL A 310 12.17 -9.33 -7.25
C VAL A 310 13.55 -9.84 -6.85
N HIS A 311 14.51 -8.94 -6.64
CA HIS A 311 15.86 -9.44 -6.41
C HIS A 311 16.73 -8.40 -5.71
N LYS A 312 17.89 -8.87 -5.25
CA LYS A 312 18.94 -8.01 -4.73
C LYS A 312 20.26 -8.76 -4.78
N THR A 313 21.29 -8.08 -5.27
CA THR A 313 22.66 -8.56 -5.16
C THR A 313 23.29 -8.02 -3.88
N GLY A 314 24.30 -8.72 -3.38
CA GLY A 314 25.00 -8.23 -2.20
C GLY A 314 26.40 -8.75 -2.14
N ALA A 315 27.31 -7.92 -1.64
CA ALA A 315 28.69 -8.37 -1.51
C ALA A 315 29.36 -7.67 -0.36
N THR A 316 30.33 -8.35 0.22
CA THR A 316 31.34 -7.73 1.07
C THR A 316 32.69 -8.02 0.42
N GLY A 317 33.76 -7.63 1.08
CA GLY A 317 35.08 -7.89 0.53
C GLY A 317 35.30 -9.37 0.24
N GLY A 318 34.76 -10.24 1.08
CA GLY A 318 34.99 -11.67 0.93
C GLY A 318 33.81 -12.52 0.54
N PHE A 319 32.63 -11.90 0.29
CA PHE A 319 31.43 -12.69 0.06
C PHE A 319 30.62 -12.11 -1.10
N GLY A 320 29.83 -12.97 -1.73
CA GLY A 320 28.95 -12.58 -2.81
C GLY A 320 27.63 -13.32 -2.70
N SER A 321 26.51 -12.59 -2.66
CA SER A 321 25.20 -13.18 -2.45
C SER A 321 24.21 -12.66 -3.49
N TYR A 322 23.14 -13.42 -3.68
CA TYR A 322 22.07 -13.02 -4.60
C TYR A 322 20.79 -13.70 -4.16
N VAL A 323 19.70 -12.95 -4.19
CA VAL A 323 18.37 -13.47 -3.92
C VAL A 323 17.46 -12.99 -5.05
N ALA A 324 16.64 -13.90 -5.60
CA ALA A 324 15.65 -13.52 -6.60
C ALA A 324 14.42 -14.39 -6.41
N PHE A 325 13.24 -13.81 -6.62
CA PHE A 325 12.01 -14.61 -6.53
C PHE A 325 10.91 -14.00 -7.38
N ILE A 326 9.93 -14.84 -7.71
CA ILE A 326 8.80 -14.47 -8.55
C ILE A 326 7.51 -14.83 -7.82
N PRO A 327 6.82 -13.88 -7.19
CA PRO A 327 5.65 -14.24 -6.38
C PRO A 327 4.57 -14.98 -7.16
N GLU A 328 4.37 -14.60 -8.43
CA GLU A 328 3.35 -15.23 -9.25
C GLU A 328 3.57 -16.74 -9.38
N LYS A 329 4.83 -17.19 -9.33
CA LYS A 329 5.16 -18.58 -9.58
C LYS A 329 5.53 -19.35 -8.33
N GLU A 330 5.47 -18.72 -7.15
CA GLU A 330 5.90 -19.35 -5.90
C GLU A 330 7.33 -19.87 -6.03
N LEU A 331 8.19 -19.10 -6.70
CA LEU A 331 9.48 -19.55 -7.16
C LEU A 331 10.57 -18.60 -6.69
N GLY A 332 11.70 -19.15 -6.23
CA GLY A 332 12.76 -18.28 -5.74
C GLY A 332 14.08 -19.01 -5.59
N ILE A 333 15.13 -18.22 -5.40
CA ILE A 333 16.48 -18.76 -5.27
C ILE A 333 17.30 -17.86 -4.38
N VAL A 334 18.16 -18.48 -3.57
CA VAL A 334 19.22 -17.83 -2.80
C VAL A 334 20.55 -18.45 -3.17
N MET A 335 21.55 -17.61 -3.44
CA MET A 335 22.90 -18.07 -3.72
C MET A 335 23.85 -17.34 -2.79
N LEU A 336 24.54 -18.08 -1.91
CA LEU A 336 25.48 -17.49 -0.96
C LEU A 336 26.85 -18.07 -1.22
N ALA A 337 27.85 -17.22 -1.37
CA ALA A 337 29.21 -17.68 -1.63
C ALA A 337 30.22 -16.91 -0.78
N ASN A 338 31.32 -17.55 -0.43
CA ASN A 338 32.36 -16.83 0.30
C ASN A 338 33.50 -16.40 -0.61
N LYS A 339 33.10 -15.82 -1.75
CA LYS A 339 33.94 -14.99 -2.58
C LYS A 339 33.05 -13.96 -3.27
N ASN A 340 33.55 -12.73 -3.42
CA ASN A 340 32.83 -11.69 -4.15
C ASN A 340 33.14 -11.87 -5.64
N TYR A 341 32.30 -12.60 -6.34
CA TYR A 341 32.47 -12.83 -7.78
C TYR A 341 31.44 -12.00 -8.54
N PRO A 342 31.64 -11.77 -9.84
CA PRO A 342 30.87 -10.71 -10.53
C PRO A 342 29.35 -10.92 -10.51
N ASN A 343 28.63 -9.82 -10.26
CA ASN A 343 27.16 -9.85 -10.25
C ASN A 343 26.55 -10.51 -11.47
N PRO A 344 26.98 -10.22 -12.72
CA PRO A 344 26.32 -10.86 -13.86
C PRO A 344 26.40 -12.36 -13.84
N ALA A 345 27.48 -12.95 -13.33
CA ALA A 345 27.56 -14.40 -13.22
C ALA A 345 26.51 -14.92 -12.25
N ARG A 346 26.24 -14.17 -11.17
CA ARG A 346 25.19 -14.58 -10.24
C ARG A 346 23.83 -14.59 -10.92
N VAL A 347 23.48 -13.47 -11.56
CA VAL A 347 22.14 -13.33 -12.10
C VAL A 347 21.93 -14.29 -13.26
N ASP A 348 22.97 -14.52 -14.08
CA ASP A 348 22.85 -15.48 -15.18
C ASP A 348 22.54 -16.88 -14.64
N ALA A 349 23.27 -17.31 -13.61
CA ALA A 349 23.00 -18.63 -13.03
C ALA A 349 21.60 -18.69 -12.44
N ALA A 350 21.19 -17.65 -11.69
CA ALA A 350 19.86 -17.69 -11.11
C ALA A 350 18.77 -17.73 -12.18
N TRP A 351 18.94 -16.97 -13.26
CA TRP A 351 17.91 -16.96 -14.30
C TRP A 351 17.81 -18.31 -15.00
N GLN A 352 18.97 -18.93 -15.29
CA GLN A 352 18.96 -20.26 -15.88
C GLN A 352 18.18 -21.25 -15.01
N ILE A 353 18.41 -21.22 -13.71
CA ILE A 353 17.72 -22.15 -12.82
C ILE A 353 16.23 -21.86 -12.78
N LEU A 354 15.85 -20.60 -12.49
CA LEU A 354 14.44 -20.27 -12.34
C LEU A 354 13.68 -20.42 -13.66
N ASN A 355 14.29 -20.01 -14.77
CA ASN A 355 13.60 -20.11 -16.05
C ASN A 355 13.28 -21.56 -16.37
N ALA A 356 14.21 -22.47 -16.07
CA ALA A 356 13.99 -23.89 -16.30
C ALA A 356 12.89 -24.47 -15.41
N LEU A 357 12.59 -23.84 -14.28
CA LEU A 357 11.62 -24.36 -13.34
C LEU A 357 10.23 -23.74 -13.46
N GLN A 358 10.09 -22.65 -14.19
CA GLN A 358 8.79 -21.96 -14.23
C GLN A 358 7.92 -22.45 -15.37
N ALA B 1 -29.08 -5.03 23.09
CA ALA B 1 -27.90 -4.17 23.07
C ALA B 1 -27.57 -3.69 24.48
N PRO B 2 -26.28 -3.43 24.74
CA PRO B 2 -25.91 -2.76 25.98
C PRO B 2 -26.76 -1.52 26.22
N GLN B 3 -27.12 -1.31 27.48
CA GLN B 3 -27.91 -0.15 27.87
C GLN B 3 -27.22 1.16 27.45
N GLN B 4 -25.89 1.18 27.49
CA GLN B 4 -25.17 2.40 27.10
C GLN B 4 -25.47 2.80 25.66
N ILE B 5 -25.56 1.82 24.75
CA ILE B 5 -25.83 2.13 23.35
C ILE B 5 -27.28 2.53 23.16
N ASN B 6 -28.21 1.76 23.74
CA ASN B 6 -29.62 2.10 23.64
C ASN B 6 -29.88 3.52 24.10
N ASP B 7 -29.23 3.95 25.18
CA ASP B 7 -29.49 5.27 25.75
C ASP B 7 -29.00 6.39 24.83
N ILE B 8 -27.74 6.29 24.37
CA ILE B 8 -27.21 7.41 23.59
C ILE B 8 -27.85 7.46 22.21
N VAL B 9 -28.19 6.30 21.62
CA VAL B 9 -28.87 6.33 20.33
C VAL B 9 -30.26 6.96 20.47
N HIS B 10 -31.01 6.50 21.48
CA HIS B 10 -32.36 7.02 21.70
C HIS B 10 -32.35 8.52 21.95
N ARG B 11 -31.42 8.99 22.79
CA ARG B 11 -31.39 10.41 23.10
C ARG B 11 -30.87 11.26 21.96
N THR B 12 -30.14 10.69 21.00
CA THR B 12 -29.59 11.48 19.92
C THR B 12 -30.40 11.39 18.63
N ILE B 13 -30.79 10.18 18.23
CA ILE B 13 -31.42 9.98 16.93
C ILE B 13 -32.90 10.30 16.99
N THR B 14 -33.59 9.77 18.02
CA THR B 14 -35.02 10.00 18.11
C THR B 14 -35.38 11.48 18.14
N PRO B 15 -34.68 12.35 18.89
CA PRO B 15 -34.92 13.79 18.71
C PRO B 15 -34.61 14.30 17.32
N LEU B 16 -33.50 13.84 16.71
CA LEU B 16 -33.13 14.29 15.37
C LEU B 16 -34.25 14.00 14.36
N ILE B 17 -34.87 12.83 14.46
CA ILE B 17 -35.96 12.47 13.56
C ILE B 17 -37.11 13.45 13.69
N GLU B 18 -37.46 13.80 14.93
CA GLU B 18 -38.53 14.79 15.13
C GLU B 18 -38.12 16.15 14.61
N GLN B 19 -36.89 16.60 14.92
CA GLN B 19 -36.45 17.93 14.50
C GLN B 19 -36.38 18.07 12.99
N GLN B 20 -36.01 17.00 12.29
CA GLN B 20 -35.80 17.07 10.85
C GLN B 20 -36.99 16.57 10.05
N LYS B 21 -38.02 16.06 10.71
CA LYS B 21 -39.23 15.56 10.05
C LYS B 21 -38.90 14.41 9.11
N ILE B 22 -38.20 13.41 9.65
CA ILE B 22 -37.68 12.30 8.85
C ILE B 22 -38.71 11.19 8.87
N PRO B 23 -39.27 10.79 7.72
CA PRO B 23 -40.31 9.74 7.73
C PRO B 23 -39.82 8.42 8.28
N GLY B 24 -38.62 7.99 7.90
CA GLY B 24 -38.12 6.69 8.32
C GLY B 24 -36.62 6.71 8.40
N MET B 25 -36.09 5.90 9.30
CA MET B 25 -34.66 5.92 9.59
C MET B 25 -34.21 4.59 10.12
N ALA B 26 -33.03 4.16 9.70
CA ALA B 26 -32.35 3.01 10.27
C ALA B 26 -30.94 3.42 10.68
N VAL B 27 -30.49 2.88 11.80
CA VAL B 27 -29.17 3.20 12.34
C VAL B 27 -28.53 1.89 12.76
N ALA B 28 -27.23 1.75 12.46
CA ALA B 28 -26.43 0.65 12.97
C ALA B 28 -25.26 1.23 13.74
N VAL B 29 -25.03 0.72 14.93
CA VAL B 29 -23.85 1.06 15.70
C VAL B 29 -23.00 -0.20 15.78
N ILE B 30 -21.75 -0.08 15.37
CA ILE B 30 -20.79 -1.16 15.52
C ILE B 30 -19.97 -0.84 16.75
N TYR B 31 -20.06 -1.72 17.76
CA TYR B 31 -19.44 -1.49 19.05
C TYR B 31 -18.62 -2.73 19.38
N GLN B 32 -17.30 -2.54 19.56
CA GLN B 32 -16.38 -3.66 19.74
C GLN B 32 -16.56 -4.68 18.61
N GLY B 33 -16.75 -4.15 17.40
CA GLY B 33 -16.87 -4.98 16.21
C GLY B 33 -18.22 -5.62 15.97
N LYS B 34 -19.18 -5.51 16.92
CA LYS B 34 -20.48 -6.15 16.79
C LYS B 34 -21.56 -5.13 16.45
N PRO B 35 -22.51 -5.48 15.60
CA PRO B 35 -23.55 -4.52 15.18
C PRO B 35 -24.79 -4.54 16.07
N TYR B 36 -25.38 -3.36 16.21
CA TYR B 36 -26.63 -3.13 16.93
C TYR B 36 -27.51 -2.21 16.09
N TYR B 37 -28.77 -2.60 15.91
CA TYR B 37 -29.65 -1.97 14.94
C TYR B 37 -30.81 -1.26 15.61
N PHE B 38 -31.27 -0.21 14.95
CA PHE B 38 -32.37 0.61 15.43
C PHE B 38 -33.16 1.08 14.21
N THR B 39 -34.48 1.03 14.30
CA THR B 39 -35.31 1.50 13.20
C THR B 39 -36.42 2.38 13.74
N TRP B 40 -36.87 3.30 12.90
CA TRP B 40 -37.94 4.22 13.20
C TRP B 40 -38.75 4.50 11.93
N GLY B 41 -40.06 4.71 12.11
CA GLY B 41 -40.84 5.31 11.05
C GLY B 41 -41.16 4.37 9.90
N TYR B 42 -41.43 4.99 8.76
CA TYR B 42 -42.01 4.32 7.60
C TYR B 42 -41.05 4.33 6.43
N ALA B 43 -40.87 3.15 5.82
CA ALA B 43 -40.24 3.08 4.50
C ALA B 43 -41.16 3.63 3.43
N ASP B 44 -42.46 3.37 3.57
CA ASP B 44 -43.50 3.84 2.65
C ASP B 44 -44.63 4.41 3.50
N ILE B 45 -44.82 5.73 3.45
CA ILE B 45 -45.80 6.39 4.32
C ILE B 45 -47.21 5.93 3.98
N ALA B 46 -47.59 6.05 2.70
CA ALA B 46 -48.96 5.77 2.29
C ALA B 46 -49.36 4.33 2.59
N LYS B 47 -48.50 3.38 2.23
CA LYS B 47 -48.74 1.98 2.57
C LYS B 47 -48.46 1.67 4.04
N LYS B 48 -47.96 2.66 4.79
CA LYS B 48 -47.60 2.49 6.20
C LYS B 48 -46.69 1.27 6.40
N GLN B 49 -45.72 1.13 5.51
CA GLN B 49 -44.74 0.06 5.62
C GLN B 49 -43.65 0.49 6.59
N PRO B 50 -43.42 -0.24 7.67
CA PRO B 50 -42.38 0.17 8.62
C PRO B 50 -40.99 0.02 8.01
N VAL B 51 -40.13 0.99 8.31
CA VAL B 51 -38.71 0.78 8.10
C VAL B 51 -38.32 -0.47 8.86
N THR B 52 -37.82 -1.45 8.16
CA THR B 52 -37.22 -2.61 8.79
C THR B 52 -35.76 -2.60 8.41
N GLN B 53 -35.07 -3.65 8.70
CA GLN B 53 -33.72 -3.55 8.18
C GLN B 53 -33.50 -4.46 7.01
N GLN B 54 -34.56 -5.05 6.50
CA GLN B 54 -34.58 -5.45 5.10
C GLN B 54 -34.86 -4.24 4.21
N THR B 55 -35.06 -3.06 4.80
CA THR B 55 -35.40 -1.89 4.00
C THR B 55 -34.16 -1.39 3.24
N LEU B 56 -34.31 -1.20 1.94
CA LEU B 56 -33.25 -0.64 1.12
C LEU B 56 -33.39 0.88 1.04
N PHE B 57 -32.29 1.57 1.28
CA PHE B 57 -32.17 3.02 1.14
C PHE B 57 -31.18 3.35 0.03
N GLU B 58 -31.41 4.48 -0.64
CA GLU B 58 -30.45 5.01 -1.60
C GLU B 58 -29.27 5.63 -0.84
N LEU B 59 -28.06 5.16 -1.12
CA LEU B 59 -26.88 5.66 -0.41
C LEU B 59 -26.36 6.98 -0.95
N GLY B 60 -26.73 7.36 -2.17
CA GLY B 60 -26.16 8.56 -2.75
C GLY B 60 -24.64 8.46 -2.80
N SER B 61 -23.96 9.51 -2.34
CA SER B 61 -22.51 9.56 -2.49
C SER B 61 -21.77 8.58 -1.59
N VAL B 62 -22.44 7.96 -0.62
CA VAL B 62 -21.80 6.89 0.12
C VAL B 62 -21.47 5.74 -0.83
N SER B 63 -22.11 5.71 -2.01
CA SER B 63 -21.73 4.75 -3.05
C SER B 63 -20.27 4.91 -3.48
N LYS B 64 -19.73 6.12 -3.39
CA LYS B 64 -18.35 6.36 -3.80
C LYS B 64 -17.36 5.54 -2.97
N THR B 65 -17.73 5.11 -1.76
CA THR B 65 -16.82 4.27 -0.99
C THR B 65 -16.74 2.89 -1.61
N PHE B 66 -17.85 2.40 -2.15
CA PHE B 66 -17.81 1.14 -2.88
C PHE B 66 -17.00 1.28 -4.15
N THR B 67 -17.17 2.39 -4.88
CA THR B 67 -16.39 2.61 -6.08
C THR B 67 -14.91 2.69 -5.75
N GLY B 68 -14.56 3.34 -4.64
CA GLY B 68 -13.17 3.44 -4.28
C GLY B 68 -12.56 2.10 -3.91
N VAL B 69 -13.32 1.27 -3.19
CA VAL B 69 -12.84 -0.06 -2.81
C VAL B 69 -12.74 -0.97 -4.03
N LEU B 70 -13.69 -0.88 -4.96
CA LEU B 70 -13.60 -1.67 -6.20
C LEU B 70 -12.38 -1.25 -7.01
N GLY B 71 -12.11 0.06 -7.08
CA GLY B 71 -10.89 0.49 -7.73
C GLY B 71 -9.65 -0.02 -7.02
N GLY B 72 -9.66 0.04 -5.69
CA GLY B 72 -8.55 -0.53 -4.93
C GLY B 72 -8.35 -2.01 -5.22
N ASP B 73 -9.44 -2.76 -5.33
CA ASP B 73 -9.35 -4.18 -5.65
C ASP B 73 -8.74 -4.39 -7.04
N ALA B 74 -9.11 -3.54 -8.01
CA ALA B 74 -8.52 -3.66 -9.34
C ALA B 74 -7.04 -3.30 -9.34
N ILE B 75 -6.62 -2.36 -8.50
CA ILE B 75 -5.19 -2.10 -8.35
C ILE B 75 -4.49 -3.32 -7.80
N ALA B 76 -5.06 -3.91 -6.74
CA ALA B 76 -4.47 -5.09 -6.10
C ALA B 76 -4.40 -6.26 -7.06
N ARG B 77 -5.37 -6.38 -7.97
CA ARG B 77 -5.35 -7.41 -9.00
C ARG B 77 -4.33 -7.14 -10.10
N GLY B 78 -3.65 -5.99 -10.08
CA GLY B 78 -2.73 -5.66 -11.14
C GLY B 78 -3.38 -5.24 -12.44
N GLU B 79 -4.67 -4.92 -12.41
CA GLU B 79 -5.39 -4.53 -13.62
C GLU B 79 -5.21 -3.05 -13.96
N ILE B 80 -5.07 -2.19 -12.95
CA ILE B 80 -4.87 -0.76 -13.17
C ILE B 80 -3.80 -0.28 -12.20
N LYS B 81 -3.23 0.88 -12.51
CA LYS B 81 -2.38 1.62 -11.58
C LYS B 81 -2.92 3.04 -11.46
N LEU B 82 -2.86 3.58 -10.25
CA LEU B 82 -3.33 4.95 -10.08
C LEU B 82 -2.41 5.95 -10.75
N SER B 83 -1.16 5.55 -11.03
CA SER B 83 -0.21 6.41 -11.74
C SER B 83 -0.42 6.44 -13.24
N ASP B 84 -1.31 5.63 -13.77
CA ASP B 84 -1.46 5.52 -15.21
C ASP B 84 -2.30 6.69 -15.75
N PRO B 85 -1.97 7.18 -16.94
CA PRO B 85 -2.80 8.22 -17.56
C PRO B 85 -4.21 7.71 -17.80
N THR B 86 -5.18 8.63 -17.68
CA THR B 86 -6.57 8.34 -18.02
C THR B 86 -6.66 7.75 -19.41
N THR B 87 -5.86 8.25 -20.34
CA THR B 87 -5.93 7.84 -21.74
C THR B 87 -5.48 6.40 -21.96
N LYS B 88 -4.75 5.82 -21.02
CA LYS B 88 -4.38 4.41 -21.15
C LYS B 88 -5.61 3.52 -21.23
N TYR B 89 -6.65 3.85 -20.46
CA TYR B 89 -7.85 3.05 -20.40
C TYR B 89 -8.99 3.64 -21.22
N TRP B 90 -8.81 4.84 -21.77
CA TRP B 90 -9.78 5.46 -22.69
C TRP B 90 -9.02 6.05 -23.86
N PRO B 91 -8.55 5.21 -24.78
CA PRO B 91 -7.70 5.74 -25.87
C PRO B 91 -8.38 6.78 -26.74
N GLU B 92 -9.70 6.76 -26.84
CA GLU B 92 -10.43 7.76 -27.62
C GLU B 92 -10.38 9.15 -27.00
N LEU B 93 -9.93 9.26 -25.75
CA LEU B 93 -9.84 10.56 -25.08
C LEU B 93 -8.51 11.19 -25.44
N THR B 94 -8.49 11.85 -26.61
CA THR B 94 -7.25 12.31 -27.22
C THR B 94 -6.98 13.81 -27.04
N ALA B 95 -7.91 14.56 -26.48
CA ALA B 95 -7.74 16.00 -26.40
C ALA B 95 -6.57 16.34 -25.47
N LYS B 96 -5.85 17.41 -25.81
CA LYS B 96 -4.56 17.70 -25.22
C LYS B 96 -4.63 18.06 -23.73
N GLN B 97 -5.77 18.50 -23.24
CA GLN B 97 -5.85 18.86 -21.83
C GLN B 97 -5.83 17.65 -20.91
N TRP B 98 -5.89 16.44 -21.45
CA TRP B 98 -5.88 15.25 -20.62
C TRP B 98 -4.48 14.72 -20.36
N ASN B 99 -3.47 15.28 -21.01
CA ASN B 99 -2.11 14.83 -20.78
C ASN B 99 -1.68 15.17 -19.36
N GLY B 100 -1.27 14.16 -18.61
CA GLY B 100 -0.91 14.34 -17.22
C GLY B 100 -2.02 14.13 -16.22
N ILE B 101 -3.25 13.88 -16.66
CA ILE B 101 -4.35 13.57 -15.76
C ILE B 101 -4.40 12.04 -15.58
N THR B 102 -4.15 11.59 -14.36
CA THR B 102 -4.05 10.16 -14.06
C THR B 102 -5.30 9.65 -13.38
N LEU B 103 -5.36 8.32 -13.23
CA LEU B 103 -6.48 7.73 -12.51
C LEU B 103 -6.55 8.23 -11.07
N LEU B 104 -5.38 8.45 -10.43
CA LEU B 104 -5.37 9.07 -9.12
C LEU B 104 -6.17 10.37 -9.12
N HIS B 105 -5.92 11.21 -10.13
CA HIS B 105 -6.60 12.51 -10.15
C HIS B 105 -8.12 12.33 -10.24
N LEU B 106 -8.57 11.39 -11.08
CA LEU B 106 -10.01 11.17 -11.19
C LEU B 106 -10.59 10.66 -9.88
N ALA B 107 -9.90 9.70 -9.25
CA ALA B 107 -10.45 9.07 -8.06
C ALA B 107 -10.55 10.03 -6.89
N THR B 108 -9.70 11.06 -6.85
CA THR B 108 -9.59 11.93 -5.68
C THR B 108 -10.03 13.37 -5.95
N TYR B 109 -10.67 13.63 -7.10
CA TYR B 109 -11.27 14.93 -7.43
C TYR B 109 -10.21 15.99 -7.71
N THR B 110 -9.01 15.59 -8.12
CA THR B 110 -7.89 16.51 -8.26
C THR B 110 -7.44 16.70 -9.72
N ALA B 111 -8.31 16.36 -10.69
CA ALA B 111 -7.94 16.48 -12.08
C ALA B 111 -7.87 17.92 -12.56
N GLY B 112 -8.41 18.87 -11.80
CA GLY B 112 -8.34 20.27 -12.18
C GLY B 112 -9.68 20.91 -12.45
N GLY B 113 -10.71 20.50 -11.72
CA GLY B 113 -12.01 21.13 -11.85
C GLY B 113 -13.03 20.44 -12.75
N LEU B 114 -13.01 19.12 -12.83
CA LEU B 114 -14.13 18.42 -13.43
C LEU B 114 -15.42 18.78 -12.68
N PRO B 115 -16.54 18.92 -13.38
CA PRO B 115 -17.72 19.52 -12.74
C PRO B 115 -18.40 18.58 -11.76
N LEU B 116 -19.10 19.20 -10.80
CA LEU B 116 -19.80 18.48 -9.75
C LEU B 116 -20.71 17.40 -10.33
N GLN B 117 -21.48 17.72 -11.36
CA GLN B 117 -22.33 16.72 -12.00
C GLN B 117 -22.01 16.65 -13.49
N VAL B 118 -22.15 15.46 -14.04
CA VAL B 118 -22.21 15.39 -15.50
C VAL B 118 -23.55 15.98 -15.95
N PRO B 119 -23.58 16.84 -16.96
CA PRO B 119 -24.85 17.45 -17.37
C PRO B 119 -25.91 16.39 -17.67
N ASP B 120 -27.16 16.69 -17.31
CA ASP B 120 -28.21 15.69 -17.51
C ASP B 120 -28.50 15.46 -18.99
N GLU B 121 -28.14 16.40 -19.85
CA GLU B 121 -28.30 16.16 -21.28
C GLU B 121 -27.32 15.13 -21.82
N VAL B 122 -26.30 14.76 -21.06
CA VAL B 122 -25.35 13.73 -21.46
C VAL B 122 -25.95 12.38 -21.13
N LYS B 123 -26.19 11.55 -22.14
CA LYS B 123 -26.84 10.27 -21.93
C LYS B 123 -26.06 9.13 -22.56
N SER B 124 -25.72 9.27 -23.84
CA SER B 124 -25.09 8.20 -24.59
C SER B 124 -23.59 8.19 -24.36
N SER B 125 -22.95 7.09 -24.79
CA SER B 125 -21.50 7.01 -24.72
C SER B 125 -20.84 8.10 -25.56
N SER B 126 -21.41 8.40 -26.73
CA SER B 126 -20.84 9.47 -27.55
C SER B 126 -21.04 10.83 -26.88
N ASP B 127 -22.19 11.05 -26.25
CA ASP B 127 -22.40 12.24 -25.42
C ASP B 127 -21.30 12.37 -24.39
N LEU B 128 -20.98 11.27 -23.72
CA LEU B 128 -19.98 11.27 -22.65
C LEU B 128 -18.59 11.59 -23.18
N LEU B 129 -18.17 10.91 -24.25
CA LEU B 129 -16.85 11.19 -24.83
C LEU B 129 -16.77 12.65 -25.20
N ARG B 130 -17.81 13.18 -25.78
CA ARG B 130 -17.84 14.56 -26.19
C ARG B 130 -17.73 15.52 -25.00
N PHE B 131 -18.41 15.20 -23.92
CA PHE B 131 -18.33 16.06 -22.75
C PHE B 131 -16.90 16.13 -22.21
N TYR B 132 -16.23 14.97 -22.09
CA TYR B 132 -14.88 14.99 -21.56
C TYR B 132 -13.87 15.54 -22.56
N GLN B 133 -14.08 15.33 -23.86
CA GLN B 133 -13.18 15.91 -24.86
C GLN B 133 -13.25 17.43 -24.87
N ASN B 134 -14.41 17.98 -24.52
CA ASN B 134 -14.64 19.42 -24.52
C ASN B 134 -14.27 20.08 -23.22
N TRP B 135 -14.14 19.33 -22.15
CA TRP B 135 -13.93 19.90 -20.84
C TRP B 135 -12.60 20.64 -20.78
N GLN B 136 -12.63 21.86 -20.22
CA GLN B 136 -11.43 22.66 -20.09
C GLN B 136 -11.16 22.88 -18.60
N PRO B 137 -9.96 22.56 -18.11
CA PRO B 137 -9.73 22.59 -16.66
C PRO B 137 -9.65 24.00 -16.11
N ALA B 138 -10.09 24.12 -14.86
CA ALA B 138 -9.95 25.36 -14.09
C ALA B 138 -8.55 25.53 -13.51
N TRP B 139 -7.86 24.42 -13.29
CA TRP B 139 -6.54 24.38 -12.67
C TRP B 139 -5.74 23.24 -13.27
N ALA B 140 -4.43 23.25 -13.01
CA ALA B 140 -3.55 22.16 -13.42
C ALA B 140 -3.86 20.91 -12.60
N PRO B 141 -3.52 19.72 -13.09
CA PRO B 141 -3.82 18.51 -12.31
C PRO B 141 -3.04 18.48 -11.01
N GLY B 142 -3.64 17.86 -9.99
CA GLY B 142 -2.96 17.66 -8.73
C GLY B 142 -2.73 18.92 -7.91
N THR B 143 -3.55 19.94 -8.08
CA THR B 143 -3.38 21.18 -7.31
C THR B 143 -4.58 21.55 -6.45
N GLN B 144 -5.79 21.26 -6.91
CA GLN B 144 -7.02 21.63 -6.23
C GLN B 144 -7.97 20.44 -6.17
N ARG B 145 -8.60 20.25 -5.01
CA ARG B 145 -9.65 19.27 -4.85
C ARG B 145 -11.00 19.93 -5.06
N LEU B 146 -11.79 19.41 -5.99
CA LEU B 146 -13.16 19.88 -6.21
C LEU B 146 -14.05 18.66 -6.31
N TYR B 147 -14.84 18.40 -5.27
CA TYR B 147 -15.74 17.25 -5.23
C TYR B 147 -16.57 17.17 -6.50
N ALA B 148 -16.54 16.02 -7.17
CA ALA B 148 -17.15 15.94 -8.50
C ALA B 148 -17.55 14.51 -8.84
N ASN B 149 -18.84 14.33 -9.16
CA ASN B 149 -19.32 13.06 -9.69
C ASN B 149 -18.68 12.73 -11.03
N SER B 150 -18.40 13.74 -11.85
CA SER B 150 -17.81 13.47 -13.15
C SER B 150 -16.36 13.01 -13.04
N SER B 151 -15.74 13.16 -11.86
CA SER B 151 -14.35 12.74 -11.63
C SER B 151 -14.31 11.28 -11.17
N ILE B 152 -14.88 11.01 -9.99
CA ILE B 152 -14.84 9.65 -9.45
C ILE B 152 -15.73 8.73 -10.28
N GLY B 153 -16.80 9.24 -10.87
CA GLY B 153 -17.60 8.42 -11.76
C GLY B 153 -16.81 7.88 -12.92
N LEU B 154 -15.97 8.73 -13.54
CA LEU B 154 -15.15 8.25 -14.64
C LEU B 154 -14.07 7.30 -14.15
N PHE B 155 -13.50 7.56 -12.97
CA PHE B 155 -12.54 6.61 -12.40
C PHE B 155 -13.15 5.21 -12.31
N GLY B 156 -14.37 5.13 -11.78
CA GLY B 156 -15.00 3.83 -11.60
C GLY B 156 -15.21 3.11 -12.92
N ALA B 157 -15.67 3.85 -13.93
CA ALA B 157 -15.89 3.26 -15.25
C ALA B 157 -14.60 2.74 -15.86
N LEU B 158 -13.52 3.51 -15.76
CA LEU B 158 -12.24 3.08 -16.33
C LEU B 158 -11.59 1.99 -15.49
N ALA B 159 -11.81 1.99 -14.18
CA ALA B 159 -11.14 1.02 -13.32
C ALA B 159 -11.55 -0.42 -13.63
N VAL B 160 -12.78 -0.63 -14.11
CA VAL B 160 -13.23 -1.98 -14.44
C VAL B 160 -12.96 -2.35 -15.90
N LYS B 161 -12.45 -1.43 -16.71
CA LYS B 161 -12.28 -1.72 -18.13
C LYS B 161 -11.35 -2.91 -18.40
N PRO B 162 -10.18 -3.04 -17.75
CA PRO B 162 -9.33 -4.20 -18.03
C PRO B 162 -9.97 -5.54 -17.70
N SER B 163 -10.82 -5.59 -16.67
CA SER B 163 -11.51 -6.82 -16.30
C SER B 163 -12.46 -7.30 -17.40
N GLY B 164 -12.87 -6.41 -18.30
CA GLY B 164 -13.90 -6.73 -19.27
C GLY B 164 -15.31 -6.80 -18.72
N LEU B 165 -15.49 -6.71 -17.40
CA LEU B 165 -16.82 -6.78 -16.80
C LEU B 165 -17.47 -5.42 -16.82
N SER B 166 -18.81 -5.42 -16.83
CA SER B 166 -19.50 -4.15 -16.59
C SER B 166 -19.22 -3.69 -15.17
N PHE B 167 -19.44 -2.40 -14.93
CA PHE B 167 -19.26 -1.88 -13.58
C PHE B 167 -20.12 -2.63 -12.58
N GLU B 168 -21.40 -2.84 -12.93
CA GLU B 168 -22.31 -3.52 -12.01
C GLU B 168 -21.86 -4.95 -11.73
N GLN B 169 -21.45 -5.70 -12.77
CA GLN B 169 -21.02 -7.07 -12.55
C GLN B 169 -19.72 -7.13 -11.76
N ALA B 170 -18.79 -6.20 -12.03
CA ALA B 170 -17.57 -6.14 -11.23
C ALA B 170 -17.88 -5.87 -9.77
N MET B 171 -18.76 -4.91 -9.51
CA MET B 171 -19.11 -4.57 -8.14
C MET B 171 -19.79 -5.73 -7.44
N GLN B 172 -20.73 -6.38 -8.11
CA GLN B 172 -21.40 -7.51 -7.48
C GLN B 172 -20.40 -8.63 -7.20
N THR B 173 -19.62 -9.04 -8.21
CA THR B 173 -18.83 -10.25 -8.03
C THR B 173 -17.57 -10.03 -7.20
N ARG B 174 -17.05 -8.79 -7.17
CA ARG B 174 -15.79 -8.55 -6.51
C ARG B 174 -15.92 -7.89 -5.15
N VAL B 175 -17.06 -7.27 -4.84
CA VAL B 175 -17.23 -6.56 -3.57
C VAL B 175 -18.45 -7.05 -2.82
N PHE B 176 -19.65 -6.89 -3.39
CA PHE B 176 -20.86 -7.18 -2.64
C PHE B 176 -20.85 -8.62 -2.16
N GLN B 177 -20.30 -9.46 -2.92
CA GLN B 177 -20.67 -10.84 -2.73
C GLN B 177 -19.62 -11.56 -1.89
N PRO B 178 -18.32 -11.33 -2.09
CA PRO B 178 -17.36 -11.79 -1.08
C PRO B 178 -17.70 -11.30 0.32
N LEU B 179 -18.27 -10.11 0.44
CA LEU B 179 -18.66 -9.57 1.75
C LEU B 179 -20.05 -9.99 2.15
N LYS B 180 -20.73 -10.82 1.34
CA LYS B 180 -22.07 -11.32 1.66
C LYS B 180 -23.05 -10.17 1.90
N LEU B 181 -22.94 -9.14 1.07
CA LEU B 181 -23.91 -8.04 1.06
C LEU B 181 -25.07 -8.47 0.17
N ASN B 182 -25.97 -9.27 0.74
CA ASN B 182 -26.97 -10.00 -0.02
C ASN B 182 -28.22 -9.19 -0.36
N HIS B 183 -28.36 -7.97 0.18
CA HIS B 183 -29.48 -7.08 -0.14
C HIS B 183 -28.97 -5.72 -0.54
N THR B 184 -27.87 -5.69 -1.29
CA THR B 184 -27.24 -4.48 -1.76
C THR B 184 -27.20 -4.54 -3.28
N TRP B 185 -27.68 -3.48 -3.93
CA TRP B 185 -27.91 -3.51 -5.37
C TRP B 185 -27.58 -2.17 -6.02
N ILE B 186 -27.05 -2.23 -7.25
CA ILE B 186 -27.02 -1.02 -8.07
C ILE B 186 -28.34 -0.86 -8.80
N ASN B 187 -28.91 -1.96 -9.28
CA ASN B 187 -30.26 -2.00 -9.84
C ASN B 187 -31.09 -2.94 -8.98
N VAL B 188 -32.10 -2.39 -8.30
CA VAL B 188 -32.95 -3.16 -7.38
C VAL B 188 -33.82 -4.11 -8.20
N PRO B 189 -33.72 -5.41 -7.99
CA PRO B 189 -34.53 -6.37 -8.78
C PRO B 189 -35.97 -6.35 -8.32
N PRO B 190 -36.90 -6.88 -9.13
CA PRO B 190 -38.31 -6.88 -8.71
C PRO B 190 -38.58 -7.52 -7.36
N ALA B 191 -37.87 -8.61 -7.01
CA ALA B 191 -38.09 -9.27 -5.72
C ALA B 191 -37.80 -8.35 -4.54
N GLU B 192 -36.99 -7.31 -4.72
CA GLU B 192 -36.65 -6.42 -3.63
C GLU B 192 -37.44 -5.13 -3.64
N GLU B 193 -38.28 -4.89 -4.66
CA GLU B 193 -39.01 -3.63 -4.75
C GLU B 193 -39.87 -3.37 -3.52
N LYS B 194 -40.44 -4.41 -2.91
CA LYS B 194 -41.29 -4.21 -1.75
C LYS B 194 -40.52 -3.74 -0.52
N ASN B 195 -39.21 -4.00 -0.48
CA ASN B 195 -38.36 -3.49 0.59
C ASN B 195 -37.66 -2.19 0.21
N TYR B 196 -37.87 -1.69 -1.00
CA TYR B 196 -37.22 -0.48 -1.47
C TYR B 196 -37.97 0.72 -0.94
N ALA B 197 -37.39 1.39 0.06
CA ALA B 197 -38.05 2.55 0.64
C ALA B 197 -38.25 3.65 -0.40
N TRP B 198 -39.32 4.41 -0.24
CA TRP B 198 -39.48 5.62 -1.02
C TRP B 198 -38.72 6.75 -0.36
N GLY B 199 -38.10 7.59 -1.19
CA GLY B 199 -37.48 8.81 -0.71
C GLY B 199 -38.49 9.95 -0.78
N TYR B 200 -38.42 10.85 0.19
CA TYR B 200 -39.42 11.90 0.31
C TYR B 200 -38.77 13.26 0.16
N ARG B 201 -39.28 14.05 -0.79
CA ARG B 201 -38.75 15.37 -1.10
C ARG B 201 -39.94 16.29 -1.36
N GLU B 202 -40.11 17.30 -0.49
CA GLU B 202 -41.28 18.16 -0.52
C GLU B 202 -42.57 17.33 -0.50
N GLY B 203 -42.60 16.35 0.40
CA GLY B 203 -43.75 15.48 0.58
C GLY B 203 -43.97 14.45 -0.50
N LYS B 204 -43.31 14.59 -1.65
CA LYS B 204 -43.50 13.66 -2.76
C LYS B 204 -42.55 12.47 -2.62
N ALA B 205 -43.08 11.26 -2.84
CA ALA B 205 -42.27 10.06 -2.84
C ALA B 205 -41.44 10.00 -4.12
N VAL B 206 -40.11 9.88 -3.98
CA VAL B 206 -39.21 9.92 -5.12
C VAL B 206 -38.17 8.81 -5.02
N HIS B 207 -37.68 8.40 -6.18
CA HIS B 207 -36.52 7.53 -6.32
C HIS B 207 -35.52 8.21 -7.25
N VAL B 208 -34.25 7.84 -7.12
CA VAL B 208 -33.21 8.50 -7.90
C VAL B 208 -33.43 8.23 -9.38
N SER B 209 -33.17 9.27 -10.23
CA SER B 209 -33.38 9.11 -11.66
C SER B 209 -32.12 8.54 -12.33
N PRO B 210 -32.27 7.87 -13.48
CA PRO B 210 -31.08 7.45 -14.23
C PRO B 210 -30.25 8.65 -14.67
N GLY B 211 -28.95 8.43 -14.79
CA GLY B 211 -28.03 9.48 -15.16
C GLY B 211 -26.71 8.88 -15.59
N ALA B 212 -25.94 9.66 -16.34
CA ALA B 212 -24.64 9.18 -16.81
C ALA B 212 -23.73 8.93 -15.62
N LEU B 213 -23.05 7.78 -15.65
CA LEU B 213 -22.13 7.37 -14.59
C LEU B 213 -22.82 7.32 -13.22
N ASP B 214 -24.13 7.04 -13.22
CA ASP B 214 -24.86 7.02 -11.95
C ASP B 214 -24.44 5.84 -11.09
N ALA B 215 -24.25 4.65 -11.70
CA ALA B 215 -23.81 3.50 -10.93
C ALA B 215 -22.49 3.79 -10.21
N GLU B 216 -21.59 4.50 -10.90
CA GLU B 216 -20.23 4.72 -10.40
C GLU B 216 -20.17 5.80 -9.33
N ALA B 217 -21.06 6.79 -9.38
CA ALA B 217 -20.98 7.92 -8.48
C ALA B 217 -22.04 7.92 -7.38
N TYR B 218 -23.19 7.28 -7.60
CA TYR B 218 -24.27 7.33 -6.61
C TYR B 218 -25.29 6.23 -6.82
N GLY B 219 -24.84 5.05 -7.25
CA GLY B 219 -25.76 4.03 -7.71
C GLY B 219 -26.23 2.99 -6.70
N VAL B 220 -25.69 2.98 -5.48
CA VAL B 220 -25.89 1.82 -4.61
C VAL B 220 -27.10 2.05 -3.71
N LYS B 221 -27.91 1.00 -3.58
CA LYS B 221 -28.98 0.92 -2.60
C LYS B 221 -28.70 -0.25 -1.67
N SER B 222 -28.93 -0.06 -0.37
CA SER B 222 -28.52 -1.07 0.59
C SER B 222 -29.37 -0.99 1.85
N THR B 223 -29.30 -2.05 2.64
CA THR B 223 -29.98 -2.14 3.93
C THR B 223 -29.06 -1.74 5.07
N ILE B 224 -29.66 -1.51 6.24
CA ILE B 224 -28.82 -1.18 7.39
C ILE B 224 -27.97 -2.37 7.83
N GLU B 225 -28.46 -3.60 7.61
CA GLU B 225 -27.67 -4.78 7.94
C GLU B 225 -26.46 -4.89 7.01
N ASP B 226 -26.66 -4.70 5.71
CA ASP B 226 -25.53 -4.80 4.80
C ASP B 226 -24.54 -3.66 5.03
N MET B 227 -25.04 -2.45 5.33
CA MET B 227 -24.13 -1.33 5.58
C MET B 227 -23.35 -1.54 6.87
N ALA B 228 -23.95 -2.17 7.88
CA ALA B 228 -23.19 -2.51 9.08
C ALA B 228 -22.05 -3.46 8.75
N ARG B 229 -22.31 -4.44 7.87
CA ARG B 229 -21.27 -5.35 7.41
C ARG B 229 -20.23 -4.62 6.59
N TRP B 230 -20.66 -3.64 5.80
CA TRP B 230 -19.71 -2.81 5.06
C TRP B 230 -18.79 -2.06 6.02
N VAL B 231 -19.33 -1.54 7.12
CA VAL B 231 -18.48 -0.87 8.10
C VAL B 231 -17.57 -1.87 8.78
N GLN B 232 -18.09 -3.05 9.13
CA GLN B 232 -17.24 -4.07 9.74
C GLN B 232 -16.08 -4.42 8.83
N SER B 233 -16.34 -4.53 7.52
CA SER B 233 -15.31 -4.92 6.57
C SER B 233 -14.25 -3.84 6.43
N ASN B 234 -14.67 -2.58 6.48
CA ASN B 234 -13.70 -1.49 6.38
C ASN B 234 -13.00 -1.20 7.70
N LEU B 235 -13.60 -1.60 8.84
CA LEU B 235 -12.93 -1.49 10.13
C LEU B 235 -11.79 -2.49 10.27
N LYS B 236 -12.00 -3.71 9.77
CA LYS B 236 -11.06 -4.81 9.97
C LYS B 236 -10.89 -5.56 8.66
N PRO B 237 -10.22 -4.96 7.67
CA PRO B 237 -10.06 -5.63 6.37
C PRO B 237 -9.24 -6.91 6.46
N LEU B 238 -8.44 -7.09 7.49
CA LEU B 238 -7.64 -8.30 7.59
C LEU B 238 -8.51 -9.54 7.78
N ASP B 239 -9.75 -9.38 8.23
CA ASP B 239 -10.65 -10.51 8.39
C ASP B 239 -11.23 -11.00 7.08
N ILE B 240 -10.98 -10.31 5.97
CA ILE B 240 -11.56 -10.64 4.67
C ILE B 240 -10.69 -11.67 3.97
N ASN B 241 -11.32 -12.76 3.49
CA ASN B 241 -10.58 -13.88 2.90
C ASN B 241 -10.02 -13.55 1.54
N GLU B 242 -10.78 -12.82 0.71
CA GLU B 242 -10.33 -12.49 -0.65
C GLU B 242 -9.18 -11.50 -0.57
N LYS B 243 -8.01 -11.92 -1.06
CA LYS B 243 -6.78 -11.17 -0.81
C LYS B 243 -6.79 -9.81 -1.49
N THR B 244 -7.23 -9.74 -2.74
CA THR B 244 -7.21 -8.45 -3.43
C THR B 244 -8.27 -7.50 -2.87
N LEU B 245 -9.37 -8.04 -2.34
CA LEU B 245 -10.37 -7.17 -1.73
C LEU B 245 -9.86 -6.62 -0.41
N GLN B 246 -9.19 -7.44 0.37
CA GLN B 246 -8.56 -6.98 1.61
C GLN B 246 -7.58 -5.85 1.32
N GLN B 247 -6.75 -6.02 0.29
CA GLN B 247 -5.83 -4.97 -0.09
C GLN B 247 -6.57 -3.75 -0.62
N GLY B 248 -7.64 -3.97 -1.38
CA GLY B 248 -8.38 -2.85 -1.96
C GLY B 248 -9.00 -1.96 -0.90
N ILE B 249 -9.51 -2.56 0.18
CA ILE B 249 -10.05 -1.79 1.29
C ILE B 249 -8.95 -0.96 1.95
N GLN B 250 -7.78 -1.57 2.14
CA GLN B 250 -6.66 -0.83 2.70
C GLN B 250 -6.23 0.33 1.81
N LEU B 251 -6.20 0.12 0.48
CA LEU B 251 -5.81 1.17 -0.44
C LEU B 251 -6.79 2.34 -0.42
N ALA B 252 -8.08 2.06 -0.23
CA ALA B 252 -9.09 3.10 -0.25
C ALA B 252 -9.02 3.99 0.99
N GLN B 253 -8.39 3.53 2.06
CA GLN B 253 -8.16 4.35 3.24
C GLN B 253 -6.75 4.90 3.31
N SER B 254 -5.94 4.70 2.28
CA SER B 254 -4.65 5.38 2.23
C SER B 254 -4.87 6.88 2.03
N ARG B 255 -3.92 7.66 2.52
CA ARG B 255 -4.05 9.13 2.51
C ARG B 255 -3.24 9.65 1.32
N TYR B 256 -3.94 10.13 0.30
CA TYR B 256 -3.30 10.56 -0.95
C TYR B 256 -3.06 12.06 -1.03
N TRP B 257 -3.95 12.84 -0.42
CA TRP B 257 -3.91 14.28 -0.45
C TRP B 257 -4.37 14.78 0.90
N GLN B 258 -3.87 15.95 1.29
CA GLN B 258 -4.33 16.61 2.50
C GLN B 258 -4.87 17.99 2.15
N THR B 259 -6.03 18.32 2.70
CA THR B 259 -6.55 19.68 2.70
C THR B 259 -7.01 19.99 4.12
N GLY B 260 -6.37 20.98 4.74
CA GLY B 260 -6.70 21.26 6.13
C GLY B 260 -6.36 20.06 7.00
N ASP B 261 -7.31 19.63 7.81
CA ASP B 261 -7.12 18.45 8.65
C ASP B 261 -7.76 17.21 8.05
N MET B 262 -8.12 17.26 6.76
CA MET B 262 -8.78 16.16 6.08
C MET B 262 -7.84 15.51 5.07
N TYR B 263 -7.96 14.20 4.95
CA TYR B 263 -7.17 13.43 4.00
C TYR B 263 -8.12 12.73 3.04
N GLN B 264 -7.80 12.78 1.75
CA GLN B 264 -8.62 12.15 0.72
C GLN B 264 -8.12 10.74 0.43
N GLY B 265 -8.99 9.76 0.64
CA GLY B 265 -8.74 8.39 0.22
C GLY B 265 -9.40 8.13 -1.12
N LEU B 266 -9.68 6.86 -1.39
CA LEU B 266 -10.48 6.49 -2.56
C LEU B 266 -11.92 6.35 -2.08
N GLY B 267 -12.74 7.37 -2.33
CA GLY B 267 -14.10 7.40 -1.81
C GLY B 267 -14.16 7.86 -0.37
N TRP B 268 -13.48 7.13 0.52
CA TRP B 268 -13.43 7.52 1.90
C TRP B 268 -12.65 8.81 2.08
N GLU B 269 -13.04 9.56 3.11
CA GLU B 269 -12.28 10.70 3.62
C GLU B 269 -11.92 10.41 5.07
N MET B 270 -10.76 10.90 5.50
CA MET B 270 -10.21 10.52 6.80
C MET B 270 -9.68 11.74 7.53
N LEU B 271 -9.78 11.72 8.85
CA LEU B 271 -9.13 12.67 9.73
C LEU B 271 -8.45 11.91 10.86
N ASP B 272 -7.39 12.51 11.43
CA ASP B 272 -6.73 11.88 12.57
C ASP B 272 -7.67 11.84 13.77
N TRP B 273 -7.69 10.70 14.47
CA TRP B 273 -8.41 10.61 15.72
C TRP B 273 -7.46 10.86 16.88
N PRO B 274 -7.85 11.65 17.90
CA PRO B 274 -9.15 12.31 18.08
C PRO B 274 -9.36 13.48 17.13
N VAL B 275 -10.61 13.72 16.77
CA VAL B 275 -10.96 14.75 15.81
C VAL B 275 -11.56 15.94 16.55
N ASN B 276 -11.40 17.11 15.96
CA ASN B 276 -12.16 18.27 16.40
C ASN B 276 -13.56 18.16 15.81
N PRO B 277 -14.60 17.97 16.64
CA PRO B 277 -15.94 17.76 16.07
C PRO B 277 -16.44 18.92 15.24
N ASP B 278 -16.14 20.16 15.65
CA ASP B 278 -16.52 21.31 14.84
C ASP B 278 -15.97 21.21 13.42
N SER B 279 -14.78 20.62 13.26
CA SER B 279 -14.17 20.52 11.95
C SER B 279 -14.96 19.60 11.03
N ILE B 280 -15.35 18.42 11.51
CA ILE B 280 -16.10 17.50 10.65
C ILE B 280 -17.55 17.94 10.51
N ILE B 281 -18.11 18.57 11.55
CA ILE B 281 -19.49 19.04 11.46
C ILE B 281 -19.60 20.20 10.47
N ASN B 282 -18.83 21.26 10.70
CA ASN B 282 -18.87 22.40 9.79
C ASN B 282 -18.30 22.06 8.42
N GLY B 283 -17.28 21.20 8.37
CA GLY B 283 -16.70 20.81 7.09
C GLY B 283 -17.65 20.00 6.22
N SER B 284 -18.70 19.42 6.80
CA SER B 284 -19.64 18.63 6.02
C SER B 284 -20.68 19.48 5.31
N ASP B 285 -20.87 20.72 5.75
CA ASP B 285 -21.76 21.63 5.04
C ASP B 285 -21.31 21.75 3.58
N ASN B 286 -22.27 21.66 2.66
CA ASN B 286 -21.94 21.67 1.24
C ASN B 286 -21.25 22.97 0.80
N LYS B 287 -21.42 24.08 1.54
CA LYS B 287 -20.70 25.28 1.16
C LYS B 287 -19.20 25.12 1.31
N ILE B 288 -18.75 24.21 2.16
CA ILE B 288 -17.34 23.87 2.29
C ILE B 288 -17.02 22.60 1.52
N ALA B 289 -17.83 21.56 1.72
CA ALA B 289 -17.53 20.24 1.16
C ALA B 289 -17.50 20.25 -0.37
N LEU B 290 -18.22 21.17 -1.01
CA LEU B 290 -18.27 21.24 -2.47
C LEU B 290 -17.40 22.33 -3.06
N ALA B 291 -16.68 23.09 -2.24
CA ALA B 291 -15.83 24.16 -2.71
C ALA B 291 -14.43 23.64 -3.01
N ALA B 292 -13.76 24.31 -3.95
CA ALA B 292 -12.37 23.99 -4.26
C ALA B 292 -11.45 24.33 -3.10
N ARG B 293 -10.46 23.46 -2.87
CA ARG B 293 -9.50 23.63 -1.79
C ARG B 293 -8.14 23.16 -2.31
N PRO B 294 -7.06 23.89 -2.03
CA PRO B 294 -5.74 23.42 -2.45
C PRO B 294 -5.37 22.13 -1.72
N VAL B 295 -4.70 21.24 -2.43
CA VAL B 295 -4.28 19.96 -1.86
C VAL B 295 -2.77 19.92 -1.80
N LYS B 296 -2.26 19.24 -0.78
CA LYS B 296 -0.84 18.89 -0.68
C LYS B 296 -0.73 17.40 -0.96
N ALA B 297 0.10 17.03 -1.91
CA ALA B 297 0.30 15.61 -2.18
C ALA B 297 0.98 14.96 -0.99
N ILE B 298 0.58 13.73 -0.68
CA ILE B 298 1.24 12.94 0.33
C ILE B 298 2.07 11.93 -0.43
N THR B 299 3.38 12.15 -0.42
CA THR B 299 4.30 11.51 -1.37
C THR B 299 5.31 10.68 -0.60
N PRO B 300 5.15 9.35 -0.50
CA PRO B 300 4.08 8.51 -1.04
C PRO B 300 2.88 8.48 -0.08
N PRO B 301 1.74 7.97 -0.52
CA PRO B 301 0.55 7.98 0.35
C PRO B 301 0.78 7.20 1.65
N THR B 302 0.25 7.75 2.73
CA THR B 302 0.32 7.06 4.01
C THR B 302 -0.62 5.87 4.01
N PRO B 303 -0.17 4.68 4.42
CA PRO B 303 -1.10 3.56 4.54
C PRO B 303 -2.18 3.85 5.57
N ALA B 304 -3.30 3.15 5.45
CA ALA B 304 -4.46 3.35 6.30
C ALA B 304 -4.07 3.50 7.77
N VAL B 305 -4.45 4.63 8.35
CA VAL B 305 -4.10 4.93 9.73
C VAL B 305 -5.22 4.43 10.63
N ARG B 306 -4.89 3.56 11.58
CA ARG B 306 -5.93 2.98 12.42
C ARG B 306 -6.59 4.03 13.30
N ALA B 307 -5.80 4.95 13.85
CA ALA B 307 -6.34 6.04 14.69
C ALA B 307 -6.89 7.15 13.80
N SER B 308 -7.99 6.83 13.11
CA SER B 308 -8.62 7.75 12.16
C SER B 308 -10.12 7.79 12.36
N TRP B 309 -10.70 8.96 12.14
CA TRP B 309 -12.12 9.12 11.84
C TRP B 309 -12.27 8.99 10.33
N VAL B 310 -12.91 7.91 9.86
CA VAL B 310 -13.09 7.62 8.45
C VAL B 310 -14.58 7.76 8.15
N HIS B 311 -14.92 8.51 7.11
CA HIS B 311 -16.33 8.80 6.95
C HIS B 311 -16.69 9.24 5.53
N LYS B 312 -17.99 9.31 5.28
CA LYS B 312 -18.53 9.78 4.02
C LYS B 312 -20.00 10.13 4.18
N THR B 313 -20.40 11.32 3.72
CA THR B 313 -21.80 11.68 3.62
C THR B 313 -22.34 11.28 2.24
N GLY B 314 -23.66 11.15 2.15
CA GLY B 314 -24.27 10.90 0.86
C GLY B 314 -25.73 11.25 0.86
N ALA B 315 -26.21 11.73 -0.29
CA ALA B 315 -27.61 12.07 -0.42
C ALA B 315 -28.08 11.83 -1.85
N THR B 316 -29.36 11.55 -1.99
CA THR B 316 -30.07 11.69 -3.26
C THR B 316 -31.17 12.72 -3.04
N GLY B 317 -32.11 12.78 -3.99
CA GLY B 317 -33.21 13.72 -3.85
C GLY B 317 -34.05 13.44 -2.61
N GLY B 318 -34.28 12.17 -2.31
CA GLY B 318 -35.16 11.82 -1.21
C GLY B 318 -34.49 11.04 -0.11
N PHE B 319 -33.15 11.01 -0.09
CA PHE B 319 -32.45 10.19 0.91
C PHE B 319 -31.26 10.96 1.47
N GLY B 320 -30.90 10.63 2.71
CA GLY B 320 -29.72 11.19 3.34
C GLY B 320 -29.02 10.17 4.21
N SER B 321 -27.71 9.99 4.00
CA SER B 321 -27.00 8.90 4.66
C SER B 321 -25.66 9.41 5.18
N TYR B 322 -25.12 8.65 6.13
CA TYR B 322 -23.82 8.95 6.70
C TYR B 322 -23.20 7.69 7.26
N VAL B 323 -21.89 7.53 7.05
CA VAL B 323 -21.13 6.42 7.60
C VAL B 323 -19.87 7.01 8.22
N ALA B 324 -19.53 6.57 9.43
CA ALA B 324 -18.28 6.97 10.06
C ALA B 324 -17.78 5.84 10.94
N PHE B 325 -16.46 5.69 11.03
CA PHE B 325 -15.92 4.62 11.87
C PHE B 325 -14.49 4.95 12.26
N ILE B 326 -14.05 4.32 13.34
CA ILE B 326 -12.72 4.54 13.91
C ILE B 326 -12.05 3.18 14.05
N PRO B 327 -11.13 2.81 13.15
CA PRO B 327 -10.61 1.43 13.17
C PRO B 327 -9.95 1.06 14.48
N GLU B 328 -9.14 1.95 15.07
CA GLU B 328 -8.46 1.63 16.32
C GLU B 328 -9.44 1.20 17.42
N LYS B 329 -10.66 1.73 17.42
CA LYS B 329 -11.63 1.49 18.48
C LYS B 329 -12.65 0.42 18.12
N GLU B 330 -12.60 -0.12 16.92
CA GLU B 330 -13.56 -1.12 16.47
C GLU B 330 -14.97 -0.57 16.56
N LEU B 331 -15.12 0.70 16.21
CA LEU B 331 -16.32 1.48 16.49
C LEU B 331 -16.82 2.17 15.22
N GLY B 332 -18.13 2.18 15.02
CA GLY B 332 -18.62 2.88 13.84
C GLY B 332 -20.12 3.02 13.86
N ILE B 333 -20.64 3.76 12.88
CA ILE B 333 -22.08 4.03 12.82
C ILE B 333 -22.50 4.19 11.36
N VAL B 334 -23.71 3.70 11.06
CA VAL B 334 -24.38 3.96 9.80
C VAL B 334 -25.73 4.58 10.12
N MET B 335 -26.07 5.66 9.41
CA MET B 335 -27.36 6.33 9.56
C MET B 335 -27.98 6.47 8.17
N LEU B 336 -29.11 5.80 7.96
CA LEU B 336 -29.84 5.84 6.69
C LEU B 336 -31.23 6.40 6.91
N ALA B 337 -31.60 7.42 6.13
CA ALA B 337 -32.89 8.08 6.24
C ALA B 337 -33.48 8.32 4.85
N ASN B 338 -34.80 8.20 4.75
CA ASN B 338 -35.48 8.49 3.48
C ASN B 338 -35.98 9.93 3.41
N LYS B 339 -35.16 10.86 3.90
CA LYS B 339 -35.28 12.28 3.59
C LYS B 339 -33.87 12.85 3.58
N ASN B 340 -33.59 13.74 2.63
CA ASN B 340 -32.31 14.44 2.53
C ASN B 340 -32.31 15.63 3.50
N TYR B 341 -31.76 15.41 4.69
CA TYR B 341 -31.61 16.46 5.68
C TYR B 341 -30.16 16.90 5.79
N PRO B 342 -29.87 18.09 6.33
CA PRO B 342 -28.54 18.69 6.15
C PRO B 342 -27.41 17.86 6.76
N ASN B 343 -26.27 17.85 6.04
CA ASN B 343 -25.09 17.09 6.46
C ASN B 343 -24.66 17.36 7.90
N PRO B 344 -24.52 18.61 8.37
CA PRO B 344 -24.04 18.82 9.75
C PRO B 344 -24.91 18.17 10.81
N ALA B 345 -26.22 18.10 10.60
CA ALA B 345 -27.09 17.38 11.53
C ALA B 345 -26.72 15.91 11.62
N ARG B 346 -26.39 15.27 10.48
CA ARG B 346 -26.02 13.87 10.52
C ARG B 346 -24.70 13.67 11.25
N VAL B 347 -23.72 14.53 10.94
CA VAL B 347 -22.39 14.36 11.52
C VAL B 347 -22.43 14.68 13.00
N ASP B 348 -23.18 15.71 13.40
CA ASP B 348 -23.29 16.05 14.82
C ASP B 348 -23.86 14.88 15.61
N ALA B 349 -24.94 14.27 15.11
CA ALA B 349 -25.50 13.10 15.78
C ALA B 349 -24.51 11.95 15.83
N ALA B 350 -23.83 11.67 14.72
CA ALA B 350 -22.84 10.59 14.71
C ALA B 350 -21.74 10.85 15.72
N TRP B 351 -21.27 12.10 15.80
CA TRP B 351 -20.20 12.43 16.74
C TRP B 351 -20.67 12.22 18.17
N GLN B 352 -21.88 12.66 18.50
CA GLN B 352 -22.34 12.52 19.87
C GLN B 352 -22.42 11.05 20.27
N ILE B 353 -22.84 10.18 19.33
CA ILE B 353 -22.96 8.77 19.66
C ILE B 353 -21.59 8.12 19.78
N LEU B 354 -20.73 8.30 18.77
CA LEU B 354 -19.44 7.62 18.81
C LEU B 354 -18.56 8.17 19.92
N ASN B 355 -18.59 9.49 20.16
CA ASN B 355 -17.81 10.07 21.26
C ASN B 355 -18.26 9.52 22.60
N ALA B 356 -19.56 9.26 22.75
CA ALA B 356 -20.05 8.69 24.01
C ALA B 356 -19.54 7.28 24.24
N LEU B 357 -19.34 6.51 23.17
CA LEU B 357 -19.04 5.09 23.30
C LEU B 357 -17.56 4.75 23.23
N GLN B 358 -16.71 5.64 22.73
CA GLN B 358 -15.29 5.33 22.57
C GLN B 358 -14.54 5.28 23.88
N H7D C . 28.95 -4.08 -0.66
C H7D C . 27.05 -4.47 -2.90
O H7D C . 26.56 -4.79 -3.97
C1 H7D C . 27.78 -3.17 -2.72
C10 H7D C . 31.58 -3.89 2.72
C11 H7D C . 31.63 -2.37 2.65
C12 H7D C . 30.54 -1.98 1.67
C2 H7D C . 27.99 -2.55 -4.10
C3 H7D C . 28.60 -1.16 -3.92
C4 H7D C . 29.98 -1.04 -4.58
C5 H7D C . 30.89 -2.25 -4.48
C6 H7D C . 31.22 -2.68 -3.06
C7 H7D C . 30.30 -3.84 -2.66
C8 H7D C . 29.09 -3.28 -1.90
C9 H7D C . 30.34 -4.31 1.93
N1 H7D C . 29.56 -3.07 1.78
O1 H7D C . 26.88 -5.26 -1.86
O2 H7D C . 27.26 -3.61 1.05
O3 H7D C . 28.35 -1.78 0.04
S H7D C . 28.51 -3.11 0.55
N H7D D . -25.94 13.40 -4.47
C H7D D . -24.43 14.16 -2.14
O H7D D . -24.77 14.82 -1.18
C1 H7D D . -24.16 14.78 -3.48
C10 H7D D . -28.63 12.19 -7.11
C11 H7D D . -28.02 13.23 -8.05
C12 H7D D . -26.62 13.49 -7.51
C2 H7D D . -23.55 16.17 -3.32
C3 H7D D . -23.41 16.85 -4.68
C4 H7D D . -24.39 18.00 -4.92
C5 H7D D . -25.61 17.98 -4.01
C6 H7D D . -26.69 16.99 -4.44
C7 H7D D . -26.54 15.64 -3.72
C8 H7D D . -25.44 14.78 -4.34
C9 H7D D . -27.46 11.63 -6.30
N1 H7D D . -26.24 12.26 -6.83
O1 H7D D . -24.29 12.85 -2.00
O2 H7D D . -24.82 11.30 -5.04
O3 H7D D . -24.04 13.21 -6.12
S H7D D . -25.21 12.55 -5.63
#